data_9EBQ
#
_entry.id   9EBQ
#
loop_
_entity.id
_entity.type
_entity.pdbx_description
1 polymer 'Guanine nucleotide-binding protein G(s) subunit alpha isoforms short'
2 polymer 'Guanine nucleotide-binding protein G(I)/G(S)/G(T) subunit beta-1'
3 polymer 'Guanine nucleotide-binding protein G(I)/G(S)/G(O) subunit gamma-2'
4 polymer Nanobody35
5 polymer 'Glucagon-like peptide 1 receptor'
#
loop_
_entity_poly.entity_id
_entity_poly.type
_entity_poly.pdbx_seq_one_letter_code
_entity_poly.pdbx_strand_id
1 'polypeptide(L)'
;MGCLGNSKTEDQRNEEKAQREANKKIEKQLQKDKQVYRATHRLLLLGAGESGKNTIVKQMRILHVNGFNGEGGEEDPQAA
RSNSDGEKATKVQDIKNNLKEAIETIVAAMSNLVPPVELANPENQFRVDYILSVMNVPDFDFPPEFYEHAKALWEDEGVR
ACYERSNEYQLIDCAQYFLDKIDVIKQADYVPSDQDLLRCRVLTSGIFETKFQVDKVNFHMFDVGAQRDERRKWIQCFND
VTAIIFVVASSSYNMVIREDNQTNRLQAALKLFDSIWNNKWLRDTSVILFLNKQDLLAEKVLAGKSKIEDYFPEFARYTT
PEDATPEPGEDPRVTRAKYFIRDEFLRISTASGDGRHYCYPHFTCAVDTENIRRVFNDCRDIIQRMHLRQYELL
;
A
2 'polypeptide(L)'
;QSELDQLRQEAEQLKNQIRDARKACADATLSQITNNIDPVGRIQMRTRRTLRGHLAKIYAMHWGTDSRLLVSASQDGKLI
IWDSYTTNKVHAIPLRSSWVMTCAYAPSGNYVACGGLDNICSIYNLKTREGNVRVSRELAGHTGYLSCCRFLDDNQIVTS
SGDTTCALWDIETGQQTTTFTGHTGDVMSLSLAPDTRLFVSGACDASAKLWDVREGMCRQTFTGHESDINAICFFPNGNA
FATGSDDATCRLFDLRADQELMTYSHDNIICGITSVSFSKSGRLLLAGYDDFNCNVWDALKADRAGVLAGHDNRVSCLGV
TDDGMAVATGSWDSFLKIWN
;
B
3 'polypeptide(L)' NTASIAQARKLVEQLKMEANIDRIKVSKAAADLMAYCEAHAKEDPLLTPVPASENPFR G
4 'polypeptide(L)'
;QVQLQESGGGLVQPGGSLRLSCAASGFTFSNYKMNWVRQAPGKGLEWVSDISQSGASISYTGSVKGRFTISRDNAKNTLY
LQMNSLKPEDTAVYYCARCPAPFTRDCFDVTSTTYAYRGQGTQVTVSS
;
N
5 'polypeptide(L)'
;MKTIIALSYIFCLVFADYKDDDDLEVLFQGPARPQGATVSLWETVQKWREYRRQCQRSLTEDPPPATDLFCNRTFDEYAC
WPDGEPGSFVNVSCPWYLPWASSVPQGHVYRFCTAEGLWLQKDNSSLPWRDLSECEESKRGERSSPEEQLLFLYIIYTVG
YALSFSALVIASAILLGFRHLHCTRNYIHLNLFASFILRALSVFIKDAALKWMYSTAAQQHQWDGLLSYQDSLSCRLVFL
LMQYCVAANYYWLLVEGVYLYTLLAFSVFSEQWIFRLYVSIGWGVPLLFVVPWGIVKYLYEDEGCWTRNSNMNYWLIIRL
PILFAIGVNFLIFVRVICIVVSKLKANLMCKTDIKCRLAKSTLTLIPLLGTHEVIFAFVMDEHARGTLRFIKLFTELSFT
SFQGLMVAILYCFVNNEVQLEFRKSWERWRLEHLHIQRDSSMKPLKCPTSSLSSGATAGSSMYTATCQASCSPAGLEVLF
QGPHHHHHHHH
;
R
#
# COMPACT_ATOMS: atom_id res chain seq x y z
N GLN A 12 35.09 -10.41 25.04
CA GLN A 12 33.98 -9.83 24.29
C GLN A 12 34.35 -9.66 22.82
N ARG A 13 35.66 -9.54 22.54
CA ARG A 13 36.10 -9.38 21.17
C ARG A 13 35.75 -10.59 20.32
N ASN A 14 35.95 -11.79 20.87
CA ASN A 14 35.60 -13.01 20.14
C ASN A 14 34.10 -13.06 19.86
N GLU A 15 33.28 -12.71 20.84
CA GLU A 15 31.83 -12.70 20.63
C GLU A 15 31.45 -11.69 19.56
N GLU A 16 32.05 -10.50 19.59
CA GLU A 16 31.77 -9.49 18.57
C GLU A 16 32.16 -9.99 17.19
N LYS A 17 33.32 -10.64 17.08
CA LYS A 17 33.75 -11.18 15.80
C LYS A 17 32.79 -12.25 15.30
N ALA A 18 32.34 -13.13 16.19
CA ALA A 18 31.39 -14.16 15.80
C ALA A 18 30.08 -13.54 15.34
N GLN A 19 29.60 -12.52 16.05
CA GLN A 19 28.37 -11.84 15.63
C GLN A 19 28.55 -11.18 14.27
N ARG A 20 29.69 -10.55 14.05
CA ARG A 20 29.95 -9.93 12.75
C ARG A 20 29.97 -10.96 11.64
N GLU A 21 30.59 -12.11 11.89
CA GLU A 21 30.61 -13.17 10.88
C GLU A 21 29.20 -13.68 10.59
N ALA A 22 28.40 -13.87 11.65
CA ALA A 22 27.03 -14.33 11.44
C ALA A 22 26.23 -13.32 10.63
N ASN A 23 26.37 -12.04 10.95
CA ASN A 23 25.68 -11.01 10.19
C ASN A 23 26.16 -10.98 8.75
N LYS A 24 27.46 -11.18 8.53
CA LYS A 24 27.97 -11.20 7.17
C LYS A 24 27.36 -12.35 6.37
N LYS A 25 27.27 -13.53 6.98
CA LYS A 25 26.64 -14.66 6.29
C LYS A 25 25.17 -14.36 6.01
N ILE A 26 24.46 -13.79 6.99
CA ILE A 26 23.05 -13.49 6.81
C ILE A 26 22.86 -12.50 5.66
N GLU A 27 23.71 -11.47 5.60
CA GLU A 27 23.59 -10.48 4.55
C GLU A 27 23.96 -11.06 3.19
N LYS A 28 24.97 -11.93 3.15
CA LYS A 28 25.32 -12.60 1.90
C LYS A 28 24.21 -13.52 1.42
N GLN A 29 23.37 -14.01 2.31
CA GLN A 29 22.19 -14.77 1.90
C GLN A 29 21.05 -13.86 1.48
N LEU A 30 20.85 -12.75 2.19
CA LEU A 30 19.76 -11.83 1.85
C LEU A 30 20.02 -11.14 0.52
N GLN A 31 21.28 -10.89 0.18
CA GLN A 31 21.59 -10.33 -1.13
C GLN A 31 21.21 -11.30 -2.23
N LYS A 32 21.47 -12.58 -2.03
CA LYS A 32 21.01 -13.59 -2.99
C LYS A 32 19.50 -13.59 -3.08
N ASP A 33 18.82 -13.54 -1.94
CA ASP A 33 17.35 -13.55 -1.95
C ASP A 33 16.79 -12.36 -2.70
N LYS A 34 17.38 -11.18 -2.50
CA LYS A 34 16.88 -9.97 -3.14
C LYS A 34 16.94 -10.08 -4.66
N GLN A 35 17.77 -10.97 -5.20
CA GLN A 35 17.91 -11.10 -6.64
C GLN A 35 16.81 -11.95 -7.26
N VAL A 36 16.08 -12.74 -6.46
CA VAL A 36 15.03 -13.60 -6.97
C VAL A 36 13.66 -12.97 -6.80
N TYR A 37 13.45 -12.22 -5.72
CA TYR A 37 12.16 -11.58 -5.50
C TYR A 37 11.91 -10.45 -6.50
N ARG A 38 12.97 -9.93 -7.12
CA ARG A 38 12.83 -8.87 -8.11
C ARG A 38 12.56 -9.38 -9.51
N ALA A 39 12.76 -10.68 -9.77
CA ALA A 39 12.54 -11.28 -11.07
C ALA A 39 11.24 -12.08 -11.13
N THR A 40 10.30 -11.78 -10.23
CA THR A 40 9.05 -12.51 -10.12
C THR A 40 7.88 -11.54 -10.06
N HIS A 41 6.78 -11.90 -10.72
CA HIS A 41 5.58 -11.08 -10.75
C HIS A 41 4.51 -11.69 -9.87
N ARG A 42 3.85 -10.85 -9.08
CA ARG A 42 2.79 -11.28 -8.18
C ARG A 42 1.45 -10.86 -8.76
N LEU A 43 0.60 -11.83 -9.06
CA LEU A 43 -0.70 -11.59 -9.66
C LEU A 43 -1.78 -12.25 -8.82
N LEU A 44 -2.85 -11.51 -8.54
CA LEU A 44 -4.00 -12.04 -7.81
C LEU A 44 -5.10 -12.37 -8.81
N LEU A 45 -5.69 -13.56 -8.67
CA LEU A 45 -6.67 -14.08 -9.61
C LEU A 45 -8.05 -14.07 -8.95
N LEU A 46 -8.74 -12.94 -9.10
CA LEU A 46 -10.11 -12.83 -8.60
C LEU A 46 -11.07 -13.52 -9.57
N GLY A 47 -12.37 -13.41 -9.28
CA GLY A 47 -13.38 -13.99 -10.13
C GLY A 47 -14.55 -14.56 -9.36
N ALA A 48 -15.77 -14.27 -9.82
CA ALA A 48 -16.96 -14.77 -9.16
C ALA A 48 -16.94 -16.30 -9.10
N GLY A 49 -17.77 -16.88 -8.23
CA GLY A 49 -17.76 -18.32 -8.07
C GLY A 49 -18.14 -19.07 -9.34
N GLU A 50 -19.20 -18.62 -10.01
CA GLU A 50 -19.70 -19.27 -11.22
C GLU A 50 -19.17 -18.61 -12.48
N SER A 51 -17.95 -18.05 -12.41
CA SER A 51 -17.36 -17.35 -13.53
C SER A 51 -16.44 -18.23 -14.38
N GLY A 52 -16.39 -19.53 -14.10
CA GLY A 52 -15.41 -20.37 -14.76
C GLY A 52 -14.00 -20.10 -14.34
N LYS A 53 -13.82 -19.53 -13.14
CA LYS A 53 -12.49 -19.11 -12.69
C LYS A 53 -11.53 -20.29 -12.65
N ASN A 54 -11.97 -21.41 -12.05
CA ASN A 54 -11.07 -22.54 -11.86
C ASN A 54 -10.64 -23.14 -13.19
N THR A 55 -11.52 -23.16 -14.20
CA THR A 55 -11.14 -23.69 -15.50
C THR A 55 -9.91 -22.97 -16.04
N ILE A 56 -9.83 -21.66 -15.83
CA ILE A 56 -8.63 -20.92 -16.23
C ILE A 56 -7.42 -21.44 -15.48
N VAL A 57 -7.55 -21.60 -14.16
CA VAL A 57 -6.41 -22.03 -13.35
C VAL A 57 -5.95 -23.42 -13.79
N LYS A 58 -6.91 -24.32 -14.02
CA LYS A 58 -6.55 -25.66 -14.50
C LYS A 58 -5.74 -25.58 -15.78
N GLN A 59 -6.08 -24.64 -16.66
CA GLN A 59 -5.33 -24.47 -17.91
C GLN A 59 -3.90 -24.02 -17.66
N MET A 60 -3.69 -23.04 -16.77
CA MET A 60 -2.35 -22.54 -16.54
C MET A 60 -1.48 -23.55 -15.79
N ARG A 61 -2.06 -24.29 -14.85
CA ARG A 61 -1.29 -25.30 -14.14
C ARG A 61 -0.81 -26.39 -15.09
N ILE A 62 -1.65 -26.80 -16.03
CA ILE A 62 -1.29 -27.82 -17.01
C ILE A 62 -0.25 -27.26 -17.98
N SER A 205 -6.98 -25.29 2.66
CA SER A 205 -5.96 -24.25 2.67
C SER A 205 -6.57 -22.90 2.30
N GLY A 206 -6.09 -21.84 2.94
CA GLY A 206 -6.64 -20.52 2.72
C GLY A 206 -6.15 -19.81 1.48
N ILE A 207 -5.20 -20.40 0.76
CA ILE A 207 -4.70 -19.80 -0.47
C ILE A 207 -3.98 -20.87 -1.26
N PHE A 208 -4.18 -20.85 -2.58
CA PHE A 208 -3.54 -21.79 -3.50
C PHE A 208 -2.60 -21.01 -4.40
N GLU A 209 -1.35 -21.45 -4.47
CA GLU A 209 -0.30 -20.75 -5.20
C GLU A 209 0.03 -21.53 -6.47
N THR A 210 0.04 -20.82 -7.60
CA THR A 210 0.38 -21.40 -8.89
C THR A 210 1.52 -20.60 -9.51
N LYS A 211 2.58 -21.29 -9.88
CA LYS A 211 3.75 -20.67 -10.48
C LYS A 211 3.90 -21.14 -11.92
N PHE A 212 4.24 -20.20 -12.80
CA PHE A 212 4.47 -20.49 -14.21
C PHE A 212 5.47 -19.47 -14.74
N GLN A 213 5.72 -19.52 -16.03
CA GLN A 213 6.67 -18.60 -16.64
C GLN A 213 6.37 -18.45 -18.12
N VAL A 214 6.44 -17.20 -18.61
CA VAL A 214 6.25 -16.88 -20.01
C VAL A 214 7.56 -16.30 -20.53
N ASP A 215 8.15 -16.96 -21.52
CA ASP A 215 9.42 -16.52 -22.10
C ASP A 215 10.46 -16.26 -21.02
N LYS A 216 10.65 -17.25 -20.15
CA LYS A 216 11.64 -17.19 -19.09
C LYS A 216 11.45 -15.95 -18.21
N VAL A 217 10.19 -15.69 -17.84
CA VAL A 217 9.84 -14.63 -16.90
C VAL A 217 9.00 -15.28 -15.81
N ASN A 218 9.36 -15.04 -14.55
CA ASN A 218 8.70 -15.71 -13.45
C ASN A 218 7.40 -15.01 -13.08
N PHE A 219 6.31 -15.76 -13.02
CA PHE A 219 5.01 -15.25 -12.61
C PHE A 219 4.57 -15.97 -11.34
N HIS A 220 3.80 -15.26 -10.53
CA HIS A 220 3.32 -15.78 -9.25
C HIS A 220 1.84 -15.48 -9.16
N MET A 221 1.01 -16.51 -9.21
CA MET A 221 -0.44 -16.36 -9.27
C MET A 221 -1.07 -17.03 -8.06
N PHE A 222 -1.78 -16.25 -7.26
CA PHE A 222 -2.38 -16.72 -6.02
C PHE A 222 -3.90 -16.78 -6.18
N ASP A 223 -4.48 -17.95 -5.90
CA ASP A 223 -5.92 -18.16 -5.95
C ASP A 223 -6.48 -18.20 -4.54
N VAL A 224 -7.50 -17.39 -4.28
CA VAL A 224 -8.10 -17.31 -2.96
C VAL A 224 -9.03 -18.49 -2.75
N GLY A 225 -9.18 -18.90 -1.49
CA GLY A 225 -10.07 -19.99 -1.16
C GLY A 225 -10.18 -20.13 0.35
N ALA A 226 -11.26 -20.79 0.77
CA ALA A 226 -11.52 -21.04 2.18
C ALA A 226 -11.54 -19.73 2.97
N GLN A 227 -12.04 -18.67 2.35
CA GLN A 227 -12.19 -17.37 2.98
C GLN A 227 -13.65 -16.93 2.93
N ARG A 228 -14.06 -16.19 3.95
CA ARG A 228 -15.41 -15.65 3.97
C ARG A 228 -15.54 -14.58 2.88
N ASP A 229 -16.79 -14.28 2.53
CA ASP A 229 -17.08 -13.33 1.45
C ASP A 229 -17.01 -11.88 1.91
N GLU A 230 -16.37 -11.60 3.04
CA GLU A 230 -16.09 -10.25 3.49
C GLU A 230 -14.68 -9.89 3.02
N ARG A 231 -14.59 -9.10 1.95
CA ARG A 231 -13.33 -8.88 1.27
C ARG A 231 -12.61 -7.60 1.69
N ARG A 232 -13.28 -6.68 2.38
CA ARG A 232 -12.78 -5.32 2.48
C ARG A 232 -11.55 -5.21 3.37
N LYS A 233 -11.08 -6.31 3.95
CA LYS A 233 -9.87 -6.28 4.78
C LYS A 233 -8.75 -7.15 4.22
N TRP A 234 -9.02 -8.43 3.93
CA TRP A 234 -7.94 -9.28 3.43
C TRP A 234 -7.55 -8.94 2.00
N ILE A 235 -8.21 -7.97 1.36
CA ILE A 235 -7.84 -7.56 0.02
C ILE A 235 -6.68 -6.57 0.01
N GLN A 236 -6.45 -5.86 1.12
CA GLN A 236 -5.40 -4.86 1.15
C GLN A 236 -4.01 -5.48 1.02
N CYS A 237 -3.88 -6.78 1.30
CA CYS A 237 -2.58 -7.42 1.20
C CYS A 237 -2.01 -7.34 -0.20
N PHE A 238 -2.87 -7.16 -1.21
CA PHE A 238 -2.47 -7.23 -2.61
C PHE A 238 -2.32 -5.86 -3.25
N ASN A 239 -2.03 -4.82 -2.45
CA ASN A 239 -1.84 -3.49 -3.01
C ASN A 239 -0.53 -3.37 -3.77
N ASP A 240 0.36 -4.36 -3.67
CA ASP A 240 1.67 -4.33 -4.30
C ASP A 240 1.82 -5.39 -5.38
N VAL A 241 0.72 -5.79 -6.00
CA VAL A 241 0.76 -6.79 -7.05
C VAL A 241 0.90 -6.11 -8.41
N THR A 242 1.45 -6.87 -9.37
CA THR A 242 1.62 -6.32 -10.72
C THR A 242 0.26 -5.95 -11.32
N ALA A 243 -0.72 -6.83 -11.19
CA ALA A 243 -2.05 -6.59 -11.74
C ALA A 243 -2.99 -7.67 -11.20
N ILE A 244 -4.22 -7.27 -10.91
CA ILE A 244 -5.22 -8.17 -10.35
C ILE A 244 -6.10 -8.67 -11.48
N ILE A 245 -5.94 -9.93 -11.87
CA ILE A 245 -6.83 -10.53 -12.85
C ILE A 245 -8.24 -10.57 -12.27
N PHE A 246 -9.24 -10.28 -13.11
CA PHE A 246 -10.63 -10.18 -12.68
C PHE A 246 -11.50 -10.87 -13.73
N VAL A 247 -11.76 -12.16 -13.51
CA VAL A 247 -12.58 -12.92 -14.45
C VAL A 247 -14.06 -12.66 -14.19
N VAL A 248 -14.85 -12.66 -15.25
CA VAL A 248 -16.28 -12.43 -15.17
C VAL A 248 -16.98 -13.27 -16.23
N ALA A 249 -18.28 -13.50 -16.04
CA ALA A 249 -19.10 -14.24 -16.98
C ALA A 249 -20.13 -13.28 -17.58
N SER A 250 -20.12 -13.19 -18.92
CA SER A 250 -21.04 -12.28 -19.61
C SER A 250 -22.47 -12.77 -19.54
N SER A 251 -22.68 -14.08 -19.65
CA SER A 251 -24.02 -14.67 -19.58
C SER A 251 -24.63 -14.58 -18.20
N SER A 252 -23.96 -13.93 -17.25
CA SER A 252 -24.50 -13.78 -15.90
C SER A 252 -25.93 -13.24 -15.91
N TYR A 253 -26.20 -12.26 -16.76
CA TYR A 253 -27.53 -11.63 -16.80
C TYR A 253 -28.63 -12.67 -16.92
N THR A 263 -29.98 -12.74 -8.32
CA THR A 263 -30.85 -12.28 -9.40
C THR A 263 -30.09 -12.21 -10.72
N ASN A 264 -29.30 -11.15 -10.88
CA ASN A 264 -28.47 -10.95 -12.06
C ASN A 264 -27.06 -10.64 -11.59
N ARG A 265 -26.15 -11.61 -11.74
CA ARG A 265 -24.81 -11.46 -11.20
C ARG A 265 -24.03 -10.34 -11.86
N LEU A 266 -24.42 -9.92 -13.07
CA LEU A 266 -23.65 -8.92 -13.78
C LEU A 266 -23.64 -7.59 -13.04
N GLN A 267 -24.78 -7.19 -12.48
CA GLN A 267 -24.81 -5.95 -11.70
C GLN A 267 -23.92 -6.06 -10.47
N ALA A 268 -23.91 -7.23 -9.83
CA ALA A 268 -23.02 -7.44 -8.68
C ALA A 268 -21.56 -7.29 -9.10
N ALA A 269 -21.19 -7.86 -10.25
CA ALA A 269 -19.84 -7.72 -10.73
C ALA A 269 -19.51 -6.27 -11.04
N LEU A 270 -20.47 -5.54 -11.60
CA LEU A 270 -20.26 -4.12 -11.89
C LEU A 270 -19.97 -3.35 -10.61
N LYS A 271 -20.80 -3.54 -9.58
CA LYS A 271 -20.59 -2.84 -8.33
C LYS A 271 -19.27 -3.25 -7.68
N LEU A 272 -18.91 -4.53 -7.74
CA LEU A 272 -17.67 -4.98 -7.13
C LEU A 272 -16.46 -4.38 -7.84
N PHE A 273 -16.49 -4.35 -9.18
CA PHE A 273 -15.39 -3.76 -9.93
C PHE A 273 -15.27 -2.27 -9.63
N ASP A 274 -16.41 -1.58 -9.53
CA ASP A 274 -16.37 -0.17 -9.15
C ASP A 274 -15.75 0.01 -7.77
N SER A 275 -16.13 -0.84 -6.83
CA SER A 275 -15.58 -0.75 -5.48
C SER A 275 -14.08 -0.95 -5.49
N ILE A 276 -13.59 -1.92 -6.27
CA ILE A 276 -12.15 -2.11 -6.41
C ILE A 276 -11.52 -0.86 -7.00
N TRP A 277 -12.11 -0.33 -8.06
CA TRP A 277 -11.51 0.80 -8.78
C TRP A 277 -11.35 2.01 -7.86
N ASN A 278 -12.40 2.34 -7.11
CA ASN A 278 -12.36 3.52 -6.26
C ASN A 278 -11.72 3.26 -4.90
N ASN A 279 -10.96 2.17 -4.74
CA ASN A 279 -10.32 1.89 -3.47
C ASN A 279 -9.00 2.66 -3.37
N LYS A 280 -8.75 3.25 -2.20
CA LYS A 280 -7.53 4.09 -2.00
C LYS A 280 -6.25 3.28 -2.11
N TRP A 281 -6.18 2.14 -1.42
CA TRP A 281 -4.92 1.33 -1.42
C TRP A 281 -4.72 0.72 -2.80
N LEU A 282 -5.67 0.91 -3.73
CA LEU A 282 -5.51 0.28 -5.03
C LEU A 282 -5.65 1.28 -6.18
N ARG A 283 -5.45 2.57 -5.93
CA ARG A 283 -5.47 3.56 -7.01
C ARG A 283 -4.18 3.49 -7.82
N ASP A 284 -3.30 2.54 -7.48
CA ASP A 284 -2.07 2.33 -8.23
C ASP A 284 -1.90 0.88 -8.66
N THR A 285 -2.83 0.00 -8.34
CA THR A 285 -2.76 -1.42 -8.66
C THR A 285 -3.60 -1.66 -9.90
N SER A 286 -2.96 -1.74 -11.06
CA SER A 286 -3.65 -1.97 -12.32
C SER A 286 -4.54 -3.21 -12.21
N VAL A 287 -5.57 -3.30 -13.04
CA VAL A 287 -6.51 -4.41 -13.02
C VAL A 287 -6.78 -4.85 -14.44
N ILE A 288 -6.66 -6.15 -14.69
CA ILE A 288 -7.04 -6.75 -15.97
C ILE A 288 -8.49 -7.16 -15.88
N LEU A 289 -9.14 -7.29 -17.03
CA LEU A 289 -10.57 -7.60 -17.10
C LEU A 289 -10.80 -8.69 -18.15
N PHE A 290 -11.52 -9.74 -17.76
CA PHE A 290 -11.94 -10.78 -18.69
C PHE A 290 -13.46 -10.84 -18.72
N LEU A 291 -13.99 -11.45 -19.78
CA LEU A 291 -15.43 -11.68 -19.95
C LEU A 291 -15.56 -13.09 -20.50
N ASN A 292 -15.82 -14.05 -19.62
CA ASN A 292 -15.56 -15.46 -19.89
C ASN A 292 -16.78 -16.28 -20.26
N LYS A 293 -17.91 -15.64 -20.57
CA LYS A 293 -19.11 -16.36 -20.96
C LYS A 293 -19.61 -15.87 -22.32
N GLN A 294 -18.68 -15.71 -23.27
CA GLN A 294 -19.03 -15.14 -24.56
C GLN A 294 -19.96 -16.07 -25.33
N ASP A 295 -19.60 -17.36 -25.43
CA ASP A 295 -20.44 -18.30 -26.17
C ASP A 295 -21.81 -18.45 -25.50
N LEU A 296 -21.85 -18.45 -24.17
CA LEU A 296 -23.13 -18.52 -23.48
C LEU A 296 -23.98 -17.30 -23.78
N LEU A 297 -23.35 -16.11 -23.84
CA LEU A 297 -24.08 -14.91 -24.24
C LEU A 297 -24.62 -15.05 -25.65
N ALA A 298 -23.80 -15.59 -26.56
CA ALA A 298 -24.26 -15.77 -27.94
C ALA A 298 -25.46 -16.70 -28.00
N GLU A 299 -25.43 -17.80 -27.25
CA GLU A 299 -26.58 -18.70 -27.22
C GLU A 299 -27.81 -18.02 -26.63
N LYS A 300 -27.62 -17.27 -25.54
CA LYS A 300 -28.75 -16.63 -24.88
C LYS A 300 -29.38 -15.56 -25.75
N VAL A 301 -28.60 -14.92 -26.63
CA VAL A 301 -29.16 -13.89 -27.48
C VAL A 301 -29.73 -14.48 -28.77
N LEU A 302 -29.14 -15.58 -29.25
CA LEU A 302 -29.62 -16.20 -30.48
C LEU A 302 -31.03 -16.77 -30.29
N ALA A 303 -31.26 -17.47 -29.19
CA ALA A 303 -32.54 -18.12 -28.92
C ALA A 303 -33.63 -17.14 -28.51
N GLY A 304 -33.33 -15.84 -28.43
CA GLY A 304 -34.30 -14.86 -27.99
C GLY A 304 -34.47 -14.76 -26.50
N LYS A 305 -33.69 -15.53 -25.73
CA LYS A 305 -33.78 -15.49 -24.28
C LYS A 305 -32.93 -14.38 -23.65
N SER A 306 -32.21 -13.60 -24.47
CA SER A 306 -31.36 -12.55 -23.94
C SER A 306 -32.16 -11.59 -23.07
N LYS A 307 -33.13 -10.89 -23.67
CA LYS A 307 -33.94 -9.91 -22.96
C LYS A 307 -33.09 -8.96 -22.13
N ILE A 308 -31.91 -8.62 -22.65
CA ILE A 308 -31.00 -7.74 -21.91
C ILE A 308 -31.63 -6.38 -21.69
N GLU A 309 -32.55 -5.98 -22.57
CA GLU A 309 -33.22 -4.68 -22.40
C GLU A 309 -33.95 -4.61 -21.07
N ASP A 310 -34.52 -5.72 -20.61
CA ASP A 310 -35.28 -5.70 -19.36
C ASP A 310 -34.40 -5.29 -18.19
N TYR A 311 -33.20 -5.86 -18.08
CA TYR A 311 -32.28 -5.50 -17.02
C TYR A 311 -31.38 -4.33 -17.37
N PHE A 312 -31.50 -3.80 -18.59
CA PHE A 312 -30.73 -2.59 -18.95
C PHE A 312 -31.58 -1.73 -19.88
N PRO A 313 -32.16 -0.61 -19.39
CA PRO A 313 -33.05 0.23 -20.21
C PRO A 313 -32.36 0.88 -21.42
N GLU A 314 -31.10 0.51 -21.69
CA GLU A 314 -30.35 1.11 -22.83
C GLU A 314 -29.48 0.05 -23.51
N PHE A 315 -30.07 -0.99 -24.10
CA PHE A 315 -29.29 -1.99 -24.86
C PHE A 315 -29.71 -1.98 -26.33
N ALA A 316 -30.99 -1.64 -26.59
CA ALA A 316 -31.50 -1.62 -27.98
C ALA A 316 -31.14 -0.29 -28.64
N ARG A 317 -30.79 0.73 -27.86
CA ARG A 317 -30.43 2.07 -28.41
C ARG A 317 -28.91 2.18 -28.50
N TYR A 318 -28.19 1.13 -28.09
CA TYR A 318 -26.70 1.13 -28.20
C TYR A 318 -26.32 0.90 -29.66
N THR A 319 -25.23 1.52 -30.11
CA THR A 319 -24.77 1.31 -31.47
C THR A 319 -23.36 0.72 -31.46
N THR A 320 -23.16 -0.32 -32.28
CA THR A 320 -21.88 -1.01 -32.29
C THR A 320 -20.76 -0.03 -32.62
N PRO A 321 -19.62 -0.12 -31.94
CA PRO A 321 -18.50 0.77 -32.27
C PRO A 321 -17.88 0.42 -33.62
N GLU A 322 -17.25 1.43 -34.22
CA GLU A 322 -16.66 1.26 -35.54
C GLU A 322 -15.41 0.39 -35.51
N ASP A 323 -14.88 0.08 -34.33
CA ASP A 323 -13.66 -0.70 -34.21
C ASP A 323 -13.90 -2.20 -34.18
N ALA A 324 -15.15 -2.64 -34.34
CA ALA A 324 -15.45 -4.06 -34.27
C ALA A 324 -14.63 -4.83 -35.29
N THR A 325 -14.02 -5.92 -34.85
CA THR A 325 -13.27 -6.85 -35.71
C THR A 325 -13.76 -8.25 -35.42
N PRO A 326 -14.93 -8.61 -35.93
CA PRO A 326 -15.59 -9.84 -35.46
C PRO A 326 -14.92 -11.09 -36.01
N GLU A 327 -14.98 -12.15 -35.20
CA GLU A 327 -14.49 -13.44 -35.62
C GLU A 327 -15.45 -14.04 -36.66
N PRO A 328 -15.01 -15.05 -37.41
CA PRO A 328 -15.87 -15.63 -38.43
C PRO A 328 -17.16 -16.19 -37.84
N GLY A 329 -18.25 -16.02 -38.57
CA GLY A 329 -19.54 -16.53 -38.14
C GLY A 329 -20.21 -15.71 -37.06
N GLU A 330 -19.79 -14.48 -36.84
CA GLU A 330 -20.37 -13.66 -35.78
C GLU A 330 -21.66 -12.99 -36.24
N ASP A 331 -22.72 -13.21 -35.47
CA ASP A 331 -24.00 -12.57 -35.76
C ASP A 331 -23.96 -11.11 -35.31
N PRO A 332 -24.28 -10.14 -36.19
CA PRO A 332 -24.21 -8.73 -35.80
C PRO A 332 -24.82 -8.44 -34.43
N ARG A 333 -25.98 -9.06 -34.14
CA ARG A 333 -26.60 -8.85 -32.83
C ARG A 333 -25.71 -9.37 -31.71
N VAL A 334 -25.11 -10.54 -31.92
CA VAL A 334 -24.20 -11.10 -30.91
C VAL A 334 -23.05 -10.15 -30.65
N THR A 335 -22.44 -9.63 -31.72
CA THR A 335 -21.32 -8.71 -31.56
C THR A 335 -21.75 -7.44 -30.83
N ARG A 336 -22.91 -6.90 -31.21
CA ARG A 336 -23.39 -5.69 -30.56
C ARG A 336 -23.60 -5.91 -29.07
N ALA A 337 -24.23 -7.03 -28.71
CA ALA A 337 -24.46 -7.31 -27.29
C ALA A 337 -23.15 -7.47 -26.54
N LYS A 338 -22.25 -8.32 -27.05
CA LYS A 338 -21.01 -8.59 -26.33
C LYS A 338 -20.19 -7.31 -26.18
N TYR A 339 -20.19 -6.44 -27.19
CA TYR A 339 -19.50 -5.17 -27.04
C TYR A 339 -20.22 -4.25 -26.07
N PHE A 340 -21.55 -4.39 -25.98
CA PHE A 340 -22.35 -3.56 -25.04
C PHE A 340 -21.97 -3.89 -23.60
N ILE A 341 -21.75 -5.19 -23.34
CA ILE A 341 -21.34 -5.61 -22.00
C ILE A 341 -20.03 -4.95 -21.62
N ARG A 342 -19.09 -4.88 -22.55
CA ARG A 342 -17.77 -4.33 -22.26
C ARG A 342 -17.86 -2.86 -21.85
N ASP A 343 -18.63 -2.07 -22.59
CA ASP A 343 -18.66 -0.63 -22.36
C ASP A 343 -19.25 -0.27 -21.00
N GLU A 344 -20.08 -1.13 -20.42
CA GLU A 344 -20.65 -0.83 -19.11
C GLU A 344 -19.56 -0.70 -18.07
N PHE A 345 -18.57 -1.61 -18.09
CA PHE A 345 -17.47 -1.52 -17.15
C PHE A 345 -16.51 -0.40 -17.52
N LEU A 346 -16.22 -0.23 -18.82
CA LEU A 346 -15.31 0.81 -19.25
C LEU A 346 -15.89 2.21 -19.06
N ARG A 347 -17.19 2.33 -18.76
CA ARG A 347 -17.72 3.63 -18.37
C ARG A 347 -17.22 4.02 -16.99
N ILE A 348 -16.73 3.04 -16.21
CA ILE A 348 -16.19 3.32 -14.90
C ILE A 348 -14.68 3.49 -14.97
N SER A 349 -14.00 2.65 -15.77
CA SER A 349 -12.55 2.66 -15.87
C SER A 349 -12.02 3.84 -16.67
N THR A 350 -12.87 4.81 -17.03
CA THR A 350 -12.42 6.05 -17.64
C THR A 350 -12.90 7.26 -16.87
N ALA A 351 -13.33 7.08 -15.62
CA ALA A 351 -13.67 8.18 -14.72
C ALA A 351 -12.77 8.08 -13.50
N SER A 352 -12.11 9.19 -13.17
CA SER A 352 -11.15 9.24 -12.07
C SER A 352 -9.92 8.37 -12.32
N GLY A 353 -9.59 8.11 -13.58
CA GLY A 353 -8.42 7.31 -13.91
C GLY A 353 -7.12 8.03 -13.61
N ASP A 354 -6.90 9.15 -14.29
CA ASP A 354 -5.75 10.02 -14.03
C ASP A 354 -4.42 9.36 -14.39
N GLY A 355 -4.47 8.28 -15.18
CA GLY A 355 -3.27 7.67 -15.71
C GLY A 355 -2.38 6.99 -14.70
N ARG A 356 -2.83 6.81 -13.45
CA ARG A 356 -1.99 6.14 -12.47
C ARG A 356 -2.17 4.62 -12.52
N HIS A 357 -3.38 4.16 -12.86
CA HIS A 357 -3.63 2.75 -13.07
C HIS A 357 -4.69 2.61 -14.15
N TYR A 358 -4.69 1.47 -14.82
CA TYR A 358 -5.48 1.29 -16.03
C TYR A 358 -6.27 0.00 -15.96
N CYS A 359 -7.21 -0.14 -16.91
CA CYS A 359 -8.04 -1.32 -17.05
C CYS A 359 -7.87 -1.84 -18.47
N TYR A 360 -7.84 -3.16 -18.62
CA TYR A 360 -7.55 -3.81 -19.90
C TYR A 360 -8.70 -4.74 -20.25
N PRO A 361 -9.75 -4.25 -20.90
CA PRO A 361 -10.85 -5.12 -21.30
C PRO A 361 -10.41 -6.15 -22.33
N HIS A 362 -11.04 -7.32 -22.27
CA HIS A 362 -10.75 -8.40 -23.21
C HIS A 362 -11.95 -9.32 -23.31
N PHE A 363 -11.91 -10.19 -24.31
CA PHE A 363 -12.90 -11.25 -24.51
C PHE A 363 -12.16 -12.57 -24.65
N THR A 364 -12.58 -13.58 -23.89
CA THR A 364 -11.91 -14.87 -23.93
C THR A 364 -12.84 -15.97 -23.45
N CYS A 365 -12.80 -17.10 -24.13
CA CYS A 365 -13.49 -18.31 -23.70
C CYS A 365 -12.74 -18.94 -22.54
N ALA A 366 -13.47 -19.70 -21.72
CA ALA A 366 -12.89 -20.28 -20.51
C ALA A 366 -11.73 -21.21 -20.81
N VAL A 367 -11.66 -21.78 -22.01
CA VAL A 367 -10.61 -22.73 -22.36
C VAL A 367 -9.68 -22.15 -23.42
N ASP A 368 -9.56 -20.82 -23.48
CA ASP A 368 -8.67 -20.20 -24.45
C ASP A 368 -7.22 -20.41 -24.03
N THR A 369 -6.39 -20.83 -24.99
CA THR A 369 -4.98 -21.05 -24.69
C THR A 369 -4.25 -19.72 -24.49
N GLU A 370 -4.66 -18.69 -25.22
CA GLU A 370 -3.95 -17.41 -25.22
C GLU A 370 -4.08 -16.63 -23.92
N ASN A 371 -4.81 -17.15 -22.93
CA ASN A 371 -5.02 -16.38 -21.71
C ASN A 371 -3.71 -16.03 -21.03
N ILE A 372 -2.68 -16.86 -21.19
CA ILE A 372 -1.38 -16.53 -20.64
C ILE A 372 -0.74 -15.39 -21.42
N ARG A 373 -0.87 -15.41 -22.76
CA ARG A 373 -0.22 -14.40 -23.59
C ARG A 373 -0.79 -13.02 -23.30
N ARG A 374 -2.10 -12.92 -23.13
CA ARG A 374 -2.73 -11.62 -22.90
C ARG A 374 -2.22 -11.01 -21.60
N VAL A 375 -2.18 -11.80 -20.52
CA VAL A 375 -1.71 -11.27 -19.25
C VAL A 375 -0.23 -10.94 -19.31
N PHE A 376 0.56 -11.76 -20.01
CA PHE A 376 1.97 -11.46 -20.17
C PHE A 376 2.17 -10.10 -20.86
N ASN A 377 1.46 -9.88 -21.97
CA ASN A 377 1.59 -8.62 -22.68
C ASN A 377 1.12 -7.45 -21.82
N ASP A 378 0.04 -7.64 -21.07
CA ASP A 378 -0.45 -6.55 -20.24
C ASP A 378 0.53 -6.23 -19.11
N CYS A 379 1.16 -7.25 -18.55
CA CYS A 379 2.21 -7.00 -17.55
C CYS A 379 3.36 -6.21 -18.16
N ARG A 380 3.78 -6.59 -19.38
CA ARG A 380 4.84 -5.85 -20.05
C ARG A 380 4.45 -4.39 -20.20
N ASP A 381 3.22 -4.13 -20.66
CA ASP A 381 2.78 -2.76 -20.85
C ASP A 381 2.74 -2.00 -19.53
N ILE A 382 2.28 -2.63 -18.46
CA ILE A 382 2.21 -1.96 -17.16
C ILE A 382 3.61 -1.57 -16.70
N ILE A 383 4.56 -2.51 -16.80
CA ILE A 383 5.92 -2.22 -16.37
C ILE A 383 6.51 -1.09 -17.20
N GLN A 384 6.32 -1.13 -18.52
CA GLN A 384 6.86 -0.07 -19.36
C GLN A 384 6.26 1.29 -19.00
N ARG A 385 4.95 1.34 -18.79
CA ARG A 385 4.32 2.60 -18.46
C ARG A 385 4.82 3.14 -17.12
N MET A 386 4.97 2.27 -16.12
CA MET A 386 5.48 2.72 -14.84
C MET A 386 6.89 3.28 -14.98
N HIS A 387 7.74 2.55 -15.71
CA HIS A 387 9.11 3.04 -15.93
C HIS A 387 9.09 4.42 -16.59
N LEU A 388 8.36 4.55 -17.70
CA LEU A 388 8.31 5.83 -18.39
C LEU A 388 7.76 6.94 -17.50
N ARG A 389 6.84 6.60 -16.59
CA ARG A 389 6.34 7.61 -15.68
C ARG A 389 7.36 7.98 -14.61
N GLN A 390 8.29 7.08 -14.30
CA GLN A 390 9.38 7.46 -13.41
C GLN A 390 10.28 8.50 -14.05
N TYR A 391 10.54 8.38 -15.34
CA TYR A 391 11.38 9.34 -16.07
C TYR A 391 10.64 10.61 -16.43
N GLU A 392 9.36 10.74 -16.06
CA GLU A 392 8.53 11.86 -16.49
C GLU A 392 8.39 11.92 -18.00
N LEU A 393 8.58 10.78 -18.68
CA LEU A 393 8.31 10.70 -20.10
C LEU A 393 6.83 10.52 -20.39
N LEU A 394 6.01 10.32 -19.36
CA LEU A 394 4.56 10.21 -19.52
C LEU A 394 3.86 10.73 -18.28
N LEU B 4 -40.99 -16.09 17.06
CA LEU B 4 -39.58 -15.72 17.07
C LEU B 4 -39.42 -14.23 17.35
N ASP B 5 -40.46 -13.45 17.03
CA ASP B 5 -40.41 -12.01 17.27
C ASP B 5 -40.25 -11.71 18.77
N GLN B 6 -40.96 -12.46 19.61
CA GLN B 6 -40.84 -12.26 21.06
C GLN B 6 -39.38 -12.32 21.51
N LEU B 7 -38.58 -13.17 20.87
CA LEU B 7 -37.16 -13.20 21.16
C LEU B 7 -36.51 -11.86 20.83
N ARG B 8 -36.91 -11.26 19.69
CA ARG B 8 -36.37 -9.94 19.32
C ARG B 8 -36.77 -8.88 20.35
N GLN B 9 -38.01 -8.91 20.81
CA GLN B 9 -38.44 -7.96 21.83
C GLN B 9 -37.67 -8.16 23.13
N GLU B 10 -37.44 -9.41 23.51
CA GLU B 10 -36.65 -9.67 24.72
C GLU B 10 -35.24 -9.14 24.55
N ALA B 11 -34.63 -9.37 23.39
CA ALA B 11 -33.26 -8.90 23.16
C ALA B 11 -33.18 -7.38 23.20
N GLU B 12 -34.13 -6.69 22.58
CA GLU B 12 -34.08 -5.24 22.57
C GLU B 12 -34.36 -4.67 23.96
N GLN B 13 -35.25 -5.32 24.72
CA GLN B 13 -35.48 -4.89 26.10
C GLN B 13 -34.23 -5.06 26.94
N LEU B 14 -33.52 -6.18 26.76
CA LEU B 14 -32.26 -6.38 27.49
C LEU B 14 -31.23 -5.33 27.09
N LYS B 15 -31.18 -4.99 25.80
CA LYS B 15 -30.25 -3.96 25.35
C LYS B 15 -30.60 -2.61 25.99
N ASN B 16 -31.88 -2.28 26.07
CA ASN B 16 -32.28 -1.04 26.73
C ASN B 16 -31.89 -1.07 28.20
N GLN B 17 -32.09 -2.21 28.87
CA GLN B 17 -31.70 -2.33 30.27
C GLN B 17 -30.21 -2.11 30.45
N ILE B 18 -29.39 -2.72 29.58
CA ILE B 18 -27.94 -2.56 29.71
C ILE B 18 -27.54 -1.12 29.46
N ARG B 19 -28.15 -0.48 28.45
CA ARG B 19 -27.84 0.92 28.18
C ARG B 19 -28.22 1.80 29.36
N ASP B 20 -29.38 1.55 29.97
CA ASP B 20 -29.78 2.33 31.13
C ASP B 20 -28.84 2.12 32.30
N ALA B 21 -28.39 0.88 32.52
CA ALA B 21 -27.43 0.61 33.59
C ALA B 21 -26.12 1.34 33.33
N ARG B 22 -25.64 1.32 32.08
CA ARG B 22 -24.41 2.02 31.76
C ARG B 22 -24.56 3.52 31.99
N LYS B 23 -25.72 4.09 31.62
CA LYS B 23 -25.95 5.51 31.88
C LYS B 23 -25.97 5.78 33.38
N ALA B 24 -26.61 4.90 34.16
CA ALA B 24 -26.66 5.10 35.60
C ALA B 24 -25.27 5.08 36.21
N CYS B 25 -24.42 4.16 35.76
CA CYS B 25 -23.04 4.13 36.22
C CYS B 25 -22.23 5.31 35.70
N ALA B 26 -22.77 6.09 34.76
CA ALA B 26 -22.07 7.22 34.17
C ALA B 26 -22.51 8.49 34.90
N ASP B 27 -21.63 9.02 35.73
CA ASP B 27 -21.87 10.27 36.45
C ASP B 27 -20.94 11.39 35.99
N ALA B 28 -19.65 11.09 35.84
CA ALA B 28 -18.68 12.08 35.40
C ALA B 28 -17.75 11.44 34.37
N THR B 29 -17.14 12.28 33.55
CA THR B 29 -16.26 11.83 32.48
C THR B 29 -14.81 11.86 32.94
N LEU B 30 -13.99 11.04 32.28
CA LEU B 30 -12.58 10.96 32.63
C LEU B 30 -11.91 12.33 32.53
N SER B 31 -12.25 13.09 31.50
CA SER B 31 -11.66 14.43 31.34
C SER B 31 -12.00 15.32 32.51
N GLN B 32 -13.25 15.27 32.98
CA GLN B 32 -13.65 16.10 34.11
C GLN B 32 -12.85 15.74 35.36
N ILE B 33 -12.67 14.44 35.62
CA ILE B 33 -11.89 14.02 36.79
C ILE B 33 -10.44 14.45 36.64
N THR B 34 -9.87 14.29 35.44
CA THR B 34 -8.48 14.66 35.18
C THR B 34 -8.36 16.06 34.58
N ASN B 35 -9.30 16.96 34.89
CA ASN B 35 -9.28 18.30 34.31
C ASN B 35 -8.18 19.16 34.91
N ASN B 36 -7.61 18.75 36.04
CA ASN B 36 -6.63 19.56 36.75
C ASN B 36 -5.20 19.05 36.63
N ILE B 37 -4.98 17.86 36.06
CA ILE B 37 -3.62 17.34 35.98
C ILE B 37 -2.78 18.22 35.06
N ASP B 38 -1.47 18.21 35.30
CA ASP B 38 -0.57 19.01 34.50
C ASP B 38 -0.41 18.41 33.10
N PRO B 39 -0.28 19.24 32.07
CA PRO B 39 0.07 18.70 30.74
C PRO B 39 1.46 18.12 30.74
N VAL B 40 1.66 17.09 29.90
CA VAL B 40 2.97 16.44 29.81
C VAL B 40 3.94 17.23 28.94
N GLY B 41 3.45 18.18 28.14
CA GLY B 41 4.32 18.99 27.31
C GLY B 41 4.56 18.36 25.95
N ARG B 42 5.40 19.06 25.17
CA ARG B 42 5.76 18.61 23.84
C ARG B 42 6.77 17.47 23.93
N ILE B 43 6.42 16.32 23.35
CA ILE B 43 7.30 15.15 23.35
C ILE B 43 7.89 15.05 21.95
N GLN B 44 9.06 15.66 21.76
CA GLN B 44 9.77 15.63 20.49
C GLN B 44 10.81 14.53 20.54
N MET B 45 10.39 13.33 20.17
CA MET B 45 11.32 12.21 20.07
C MET B 45 12.13 12.33 18.79
N ARG B 46 13.15 11.49 18.68
CA ARG B 46 14.03 11.48 17.52
C ARG B 46 14.55 10.07 17.29
N THR B 47 14.64 9.68 16.02
CA THR B 47 15.13 8.37 15.68
C THR B 47 16.51 8.15 16.28
N ARG B 48 16.83 6.88 16.55
CA ARG B 48 18.14 6.51 17.07
C ARG B 48 18.73 5.30 16.38
N ARG B 49 17.99 4.68 15.48
CA ARG B 49 18.46 3.53 14.72
C ARG B 49 17.65 3.45 13.44
N THR B 50 18.00 2.49 12.58
CA THR B 50 17.17 2.15 11.43
C THR B 50 17.62 0.80 10.88
N LEU B 51 16.70 -0.14 10.77
CA LEU B 51 17.01 -1.51 10.39
C LEU B 51 16.56 -1.75 8.96
N ARG B 52 17.46 -2.28 8.14
CA ARG B 52 17.23 -2.49 6.72
C ARG B 52 17.49 -3.94 6.37
N GLY B 53 16.75 -4.44 5.39
CA GLY B 53 16.89 -5.83 4.98
C GLY B 53 15.57 -6.46 4.58
N HIS B 54 14.47 -5.85 5.01
CA HIS B 54 13.14 -6.37 4.57
C HIS B 54 12.93 -5.93 3.13
N LEU B 55 12.53 -6.85 2.26
CA LEU B 55 12.32 -6.56 0.85
C LEU B 55 10.99 -5.87 0.61
N ALA B 56 9.93 -6.32 1.29
CA ALA B 56 8.56 -5.76 1.08
C ALA B 56 8.06 -5.03 2.33
N LYS B 57 6.74 -4.87 2.46
CA LYS B 57 6.18 -4.05 3.57
C LYS B 57 6.13 -4.83 4.88
N ILE B 58 6.59 -4.20 5.96
CA ILE B 58 6.57 -4.86 7.29
C ILE B 58 5.13 -4.82 7.78
N TYR B 59 4.55 -5.98 8.07
CA TYR B 59 3.16 -6.07 8.45
C TYR B 59 2.95 -6.29 9.95
N ALA B 60 3.99 -6.68 10.68
CA ALA B 60 3.87 -6.87 12.12
C ALA B 60 5.24 -7.15 12.70
N MET B 61 5.44 -6.73 13.94
CA MET B 61 6.68 -6.99 14.67
C MET B 61 6.34 -7.16 16.14
N HIS B 62 7.19 -7.90 16.86
CA HIS B 62 7.01 -8.08 18.29
C HIS B 62 8.35 -7.93 19.00
N TRP B 63 8.28 -7.52 20.26
CA TRP B 63 9.45 -7.28 21.08
C TRP B 63 9.95 -8.58 21.71
N GLY B 64 10.93 -8.45 22.58
CA GLY B 64 11.38 -9.53 23.42
C GLY B 64 11.28 -9.15 24.89
N THR B 65 11.15 -10.17 25.75
CA THR B 65 10.98 -9.89 27.17
C THR B 65 12.18 -9.18 27.79
N ASP B 66 13.36 -9.31 27.19
CA ASP B 66 14.55 -8.65 27.72
C ASP B 66 14.70 -7.21 27.23
N SER B 67 13.85 -6.76 26.31
CA SER B 67 13.88 -5.42 25.75
C SER B 67 15.08 -5.17 24.85
N ARG B 68 15.76 -6.23 24.40
CA ARG B 68 16.94 -6.09 23.55
C ARG B 68 16.68 -6.64 22.15
N LEU B 69 16.28 -7.90 22.04
CA LEU B 69 16.02 -8.50 20.74
C LEU B 69 14.58 -8.22 20.31
N LEU B 70 14.32 -8.45 19.02
CA LEU B 70 12.97 -8.36 18.49
C LEU B 70 12.92 -9.13 17.19
N VAL B 71 11.70 -9.51 16.81
CA VAL B 71 11.44 -10.28 15.60
C VAL B 71 10.45 -9.49 14.75
N SER B 72 10.68 -9.48 13.41
CA SER B 72 9.79 -8.74 12.48
C SER B 72 9.39 -9.62 11.30
N ALA B 73 8.23 -9.37 10.70
CA ALA B 73 7.70 -10.18 9.59
C ALA B 73 7.32 -9.31 8.41
N SER B 74 7.72 -9.70 7.20
CA SER B 74 7.38 -8.93 5.98
C SER B 74 6.66 -9.84 5.00
N GLN B 75 6.08 -9.27 3.95
CA GLN B 75 5.29 -10.06 3.00
C GLN B 75 6.18 -10.57 1.85
N ASP B 76 7.50 -10.59 2.06
CA ASP B 76 8.43 -11.17 1.06
C ASP B 76 8.79 -12.57 1.53
N GLY B 77 8.18 -13.02 2.62
CA GLY B 77 8.45 -14.36 3.18
C GLY B 77 9.74 -14.35 3.96
N LYS B 78 9.76 -13.68 5.11
CA LYS B 78 11.04 -13.57 5.87
C LYS B 78 10.84 -13.19 7.31
N LEU B 79 11.44 -13.93 8.24
CA LEU B 79 11.48 -13.53 9.64
C LEU B 79 12.93 -13.22 9.99
N ILE B 80 13.16 -12.03 10.54
CA ILE B 80 14.50 -11.57 10.88
C ILE B 80 14.50 -11.14 12.33
N ILE B 81 15.45 -11.65 13.10
CA ILE B 81 15.58 -11.34 14.52
C ILE B 81 16.75 -10.39 14.68
N TRP B 82 16.45 -9.13 14.96
CA TRP B 82 17.47 -8.09 15.07
C TRP B 82 17.86 -7.89 16.52
N ASP B 83 19.15 -7.59 16.75
CA ASP B 83 19.63 -7.13 18.05
C ASP B 83 19.65 -5.61 17.99
N SER B 84 18.63 -4.98 18.58
CA SER B 84 18.44 -3.55 18.39
C SER B 84 19.66 -2.75 18.82
N TYR B 85 20.41 -3.23 19.80
CA TYR B 85 21.57 -2.49 20.27
C TYR B 85 22.61 -2.35 19.16
N THR B 86 22.99 -3.47 18.54
CA THR B 86 23.99 -3.46 17.48
C THR B 86 23.39 -3.54 16.08
N THR B 87 22.07 -3.66 15.97
CA THR B 87 21.38 -3.68 14.68
C THR B 87 21.94 -4.78 13.77
N ASN B 88 22.26 -5.94 14.34
CA ASN B 88 22.82 -7.05 13.58
C ASN B 88 21.79 -8.17 13.48
N LYS B 89 21.64 -8.71 12.27
CA LYS B 89 20.72 -9.81 12.06
C LYS B 89 21.26 -11.07 12.72
N VAL B 90 20.44 -11.68 13.58
CA VAL B 90 20.83 -12.88 14.32
C VAL B 90 20.36 -14.15 13.61
N HIS B 91 19.11 -14.16 13.16
CA HIS B 91 18.56 -15.30 12.43
C HIS B 91 17.79 -14.80 11.20
N ALA B 92 17.71 -15.67 10.20
CA ALA B 92 16.86 -15.45 9.04
C ALA B 92 16.11 -16.75 8.77
N ILE B 93 14.80 -16.65 8.56
CA ILE B 93 13.93 -17.81 8.44
C ILE B 93 13.08 -17.66 7.19
N PRO B 94 13.18 -18.56 6.20
CA PRO B 94 12.30 -18.48 5.02
C PRO B 94 10.95 -19.12 5.30
N LEU B 95 9.91 -18.30 5.31
CA LEU B 95 8.57 -18.79 5.60
C LEU B 95 8.03 -19.60 4.42
N ARG B 96 7.18 -20.58 4.73
CA ARG B 96 6.48 -21.32 3.67
C ARG B 96 5.40 -20.46 3.03
N SER B 97 4.63 -19.75 3.85
CA SER B 97 3.57 -18.86 3.38
C SER B 97 4.11 -17.44 3.33
N SER B 98 4.35 -16.91 2.12
CA SER B 98 4.90 -15.54 1.96
C SER B 98 3.94 -14.49 2.51
N TRP B 99 2.65 -14.80 2.59
CA TRP B 99 1.67 -13.81 3.02
C TRP B 99 1.51 -13.78 4.54
N VAL B 100 2.63 -13.52 5.22
CA VAL B 100 2.64 -13.49 6.72
C VAL B 100 1.96 -12.21 7.20
N MET B 101 1.08 -12.34 8.18
CA MET B 101 0.29 -11.21 8.66
C MET B 101 0.43 -10.95 10.15
N THR B 102 1.28 -11.69 10.85
CA THR B 102 1.49 -11.45 12.28
C THR B 102 2.72 -12.22 12.73
N CYS B 103 3.15 -11.93 13.95
CA CYS B 103 4.32 -12.58 14.53
C CYS B 103 4.29 -12.35 16.04
N ALA B 104 4.96 -13.25 16.76
CA ALA B 104 5.02 -13.17 18.21
C ALA B 104 6.35 -13.72 18.69
N TYR B 105 6.72 -13.33 19.90
CA TYR B 105 7.98 -13.72 20.52
C TYR B 105 7.67 -14.35 21.87
N ALA B 106 8.07 -15.61 22.04
CA ALA B 106 7.71 -16.35 23.24
C ALA B 106 8.32 -15.68 24.47
N PRO B 107 7.60 -15.70 25.60
CA PRO B 107 8.17 -15.10 26.83
C PRO B 107 9.50 -15.71 27.22
N SER B 108 9.68 -17.02 27.01
CA SER B 108 10.94 -17.67 27.34
C SER B 108 12.01 -17.46 26.28
N GLY B 109 11.74 -16.66 25.25
CA GLY B 109 12.74 -16.35 24.26
C GLY B 109 13.23 -17.53 23.46
N ASN B 110 12.52 -18.65 23.45
CA ASN B 110 12.93 -19.83 22.72
C ASN B 110 12.12 -20.09 21.47
N TYR B 111 10.92 -19.52 21.35
CA TYR B 111 10.03 -19.79 20.24
C TYR B 111 9.46 -18.50 19.68
N VAL B 112 9.16 -18.54 18.38
CA VAL B 112 8.48 -17.45 17.69
C VAL B 112 7.42 -18.07 16.78
N ALA B 113 6.26 -17.44 16.71
CA ALA B 113 5.14 -17.95 15.93
C ALA B 113 4.67 -16.90 14.94
N CYS B 114 4.03 -17.37 13.87
CA CYS B 114 3.50 -16.48 12.85
C CYS B 114 2.34 -17.17 12.15
N GLY B 115 1.54 -16.37 11.46
CA GLY B 115 0.38 -16.88 10.73
C GLY B 115 -0.15 -15.85 9.77
N GLY B 116 -0.99 -16.31 8.85
CA GLY B 116 -1.49 -15.43 7.81
C GLY B 116 -2.61 -16.02 6.97
N LEU B 117 -2.52 -15.82 5.65
CA LEU B 117 -3.62 -16.18 4.75
C LEU B 117 -3.75 -17.67 4.54
N ASP B 118 -2.82 -18.47 5.05
CA ASP B 118 -2.90 -19.92 4.92
C ASP B 118 -3.63 -20.59 6.07
N ASN B 119 -4.17 -19.81 7.01
CA ASN B 119 -4.98 -20.32 8.12
C ASN B 119 -4.14 -21.01 9.18
N ILE B 120 -2.84 -21.20 8.91
CA ILE B 120 -1.99 -22.05 9.73
C ILE B 120 -1.13 -21.18 10.63
N CYS B 121 -0.87 -21.71 11.82
CA CYS B 121 0.08 -21.11 12.77
C CYS B 121 1.26 -22.04 12.91
N SER B 122 2.46 -21.52 12.69
CA SER B 122 3.69 -22.30 12.71
C SER B 122 4.56 -21.87 13.87
N ILE B 123 5.23 -22.82 14.50
CA ILE B 123 6.08 -22.58 15.66
C ILE B 123 7.51 -22.93 15.29
N TYR B 124 8.44 -22.02 15.58
CA TYR B 124 9.86 -22.22 15.32
C TYR B 124 10.62 -22.24 16.63
N ASN B 125 11.70 -23.02 16.67
CA ASN B 125 12.51 -23.17 17.87
C ASN B 125 13.84 -22.44 17.66
N LEU B 126 14.17 -21.53 18.56
CA LEU B 126 15.38 -20.73 18.45
C LEU B 126 16.62 -21.44 18.97
N LYS B 127 16.45 -22.42 19.87
CA LYS B 127 17.57 -23.04 20.55
C LYS B 127 17.72 -24.50 20.16
N THR B 128 17.59 -24.80 18.87
CA THR B 128 17.76 -26.16 18.40
C THR B 128 19.18 -26.64 18.66
N ARG B 129 19.33 -27.95 18.86
CA ARG B 129 20.63 -28.51 19.18
C ARG B 129 21.64 -28.25 18.07
N GLU B 130 21.22 -28.44 16.82
CA GLU B 130 22.11 -28.17 15.68
C GLU B 130 22.27 -26.68 15.42
N GLY B 131 21.40 -25.84 15.98
CA GLY B 131 21.46 -24.41 15.78
C GLY B 131 20.69 -23.90 14.59
N ASN B 132 20.31 -24.77 13.66
CA ASN B 132 19.52 -24.37 12.51
C ASN B 132 18.04 -24.31 12.89
N VAL B 133 17.41 -23.18 12.64
CA VAL B 133 16.01 -22.97 13.02
C VAL B 133 15.13 -23.76 12.07
N ARG B 134 14.26 -24.60 12.63
CA ARG B 134 13.38 -25.45 11.85
C ARG B 134 12.00 -25.49 12.49
N VAL B 135 11.01 -25.90 11.69
CA VAL B 135 9.64 -25.96 12.16
C VAL B 135 9.53 -27.04 13.24
N SER B 136 8.86 -26.70 14.34
CA SER B 136 8.64 -27.64 15.44
C SER B 136 7.25 -28.27 15.40
N ARG B 137 6.20 -27.44 15.36
CA ARG B 137 4.84 -27.94 15.35
C ARG B 137 3.97 -27.01 14.53
N GLU B 138 3.04 -27.58 13.77
CA GLU B 138 2.10 -26.84 12.95
C GLU B 138 0.71 -26.98 13.54
N LEU B 139 0.08 -25.85 13.85
CA LEU B 139 -1.27 -25.82 14.40
C LEU B 139 -2.25 -25.44 13.30
N ALA B 140 -3.23 -26.30 13.05
CA ALA B 140 -4.25 -26.07 12.03
C ALA B 140 -5.63 -26.29 12.63
N GLY B 141 -6.64 -25.70 11.99
CA GLY B 141 -8.01 -25.85 12.46
C GLY B 141 -8.88 -24.62 12.26
N HIS B 142 -8.28 -23.50 11.86
CA HIS B 142 -9.09 -22.29 11.55
C HIS B 142 -9.52 -22.32 10.09
N THR B 143 -10.54 -21.55 9.73
CA THR B 143 -11.14 -21.48 8.40
C THR B 143 -11.19 -20.02 7.94
N GLY B 144 -10.05 -19.35 8.06
CA GLY B 144 -9.94 -17.95 7.63
C GLY B 144 -8.59 -17.39 8.05
N TYR B 145 -8.03 -16.47 7.28
CA TYR B 145 -6.73 -15.83 7.63
C TYR B 145 -6.63 -15.67 9.14
N LEU B 146 -5.44 -15.83 9.69
CA LEU B 146 -5.21 -15.62 11.15
C LEU B 146 -4.80 -14.17 11.34
N SER B 147 -5.53 -13.43 12.15
CA SER B 147 -5.25 -11.99 12.29
C SER B 147 -4.25 -11.71 13.41
N CYS B 148 -3.90 -12.71 14.24
CA CYS B 148 -3.00 -12.36 15.34
C CYS B 148 -2.61 -13.66 16.06
N CYS B 149 -1.77 -13.51 17.08
CA CYS B 149 -1.38 -14.63 17.93
C CYS B 149 -0.55 -14.07 19.07
N ARG B 150 -0.57 -14.78 20.20
CA ARG B 150 0.20 -14.39 21.37
C ARG B 150 0.54 -15.63 22.18
N PHE B 151 1.57 -15.50 23.01
CA PHE B 151 2.00 -16.60 23.86
C PHE B 151 1.56 -16.34 25.30
N LEU B 152 1.19 -17.42 25.98
CA LEU B 152 1.00 -17.40 27.43
C LEU B 152 2.19 -18.00 28.15
N ASP B 153 2.67 -19.15 27.68
CA ASP B 153 3.90 -19.76 28.15
C ASP B 153 4.50 -20.53 26.99
N ASP B 154 5.46 -21.41 27.27
CA ASP B 154 6.10 -22.19 26.23
C ASP B 154 5.17 -23.24 25.62
N ASN B 155 3.99 -23.47 26.19
CA ASN B 155 3.11 -24.53 25.75
C ASN B 155 1.72 -24.07 25.33
N GLN B 156 1.27 -22.88 25.74
CA GLN B 156 -0.05 -22.39 25.43
C GLN B 156 0.04 -21.16 24.53
N ILE B 157 -0.71 -21.17 23.44
CA ILE B 157 -0.76 -20.07 22.48
C ILE B 157 -2.21 -19.76 22.15
N VAL B 158 -2.55 -18.48 22.17
CA VAL B 158 -3.91 -18.02 21.88
C VAL B 158 -3.90 -17.30 20.53
N THR B 159 -4.86 -17.65 19.65
CA THR B 159 -4.90 -17.11 18.25
C THR B 159 -6.29 -16.56 17.87
N SER B 160 -6.38 -15.50 17.04
CA SER B 160 -7.65 -14.87 16.57
C SER B 160 -7.72 -14.94 15.05
N SER B 161 -8.91 -15.14 14.46
CA SER B 161 -8.95 -15.32 12.98
C SER B 161 -10.08 -14.56 12.28
N GLY B 162 -10.04 -14.53 10.95
CA GLY B 162 -11.12 -13.90 10.14
C GLY B 162 -12.22 -14.91 9.86
N ASP B 163 -12.76 -15.52 10.89
CA ASP B 163 -13.88 -16.50 10.78
C ASP B 163 -14.74 -16.21 11.99
N THR B 164 -14.47 -15.08 12.65
CA THR B 164 -15.26 -14.65 13.83
C THR B 164 -15.06 -15.58 15.05
N THR B 165 -13.91 -16.24 15.17
CA THR B 165 -13.64 -17.09 16.37
C THR B 165 -12.19 -17.06 16.86
N CYS B 166 -11.97 -16.89 18.18
CA CYS B 166 -10.67 -16.98 18.82
C CYS B 166 -10.49 -18.38 19.39
N ALA B 167 -9.30 -18.95 19.20
CA ALA B 167 -9.02 -20.33 19.59
C ALA B 167 -7.79 -20.37 20.48
N LEU B 168 -7.79 -21.32 21.41
CA LEU B 168 -6.67 -21.57 22.32
C LEU B 168 -6.16 -22.98 22.06
N TRP B 169 -4.85 -23.17 22.19
CA TRP B 169 -4.20 -24.38 21.73
C TRP B 169 -3.28 -24.95 22.80
N ASP B 170 -3.03 -26.25 22.69
CA ASP B 170 -2.00 -26.94 23.47
C ASP B 170 -0.91 -27.37 22.49
N ILE B 171 0.23 -26.68 22.53
CA ILE B 171 1.25 -26.86 21.51
C ILE B 171 1.78 -28.28 21.50
N GLU B 172 1.87 -28.89 22.68
CA GLU B 172 2.48 -30.22 22.77
C GLU B 172 1.72 -31.24 21.93
N THR B 173 0.38 -31.23 22.01
CA THR B 173 -0.43 -32.19 21.28
C THR B 173 -0.94 -31.65 19.95
N GLY B 174 -1.06 -30.33 19.80
CA GLY B 174 -1.59 -29.75 18.59
C GLY B 174 -3.10 -29.64 18.54
N GLN B 175 -3.79 -30.07 19.58
CA GLN B 175 -5.25 -30.02 19.62
C GLN B 175 -5.72 -28.71 20.23
N GLN B 176 -6.90 -28.26 19.79
CA GLN B 176 -7.52 -27.10 20.42
C GLN B 176 -7.96 -27.45 21.82
N THR B 177 -7.91 -26.47 22.71
CA THR B 177 -8.39 -26.63 24.07
C THR B 177 -9.67 -25.86 24.34
N THR B 178 -9.96 -24.84 23.54
CA THR B 178 -11.16 -24.03 23.72
C THR B 178 -11.46 -23.33 22.41
N THR B 179 -12.71 -22.88 22.28
CA THR B 179 -13.14 -22.12 21.10
C THR B 179 -14.03 -20.99 21.57
N PHE B 180 -13.66 -19.76 21.23
CA PHE B 180 -14.42 -18.57 21.59
C PHE B 180 -15.23 -18.12 20.39
N THR B 181 -16.51 -17.81 20.62
CA THR B 181 -17.42 -17.44 19.56
C THR B 181 -18.36 -16.34 20.04
N GLY B 182 -18.88 -15.57 19.08
CA GLY B 182 -19.83 -14.51 19.41
C GLY B 182 -19.67 -13.24 18.61
N HIS B 183 -18.65 -13.17 17.75
CA HIS B 183 -18.40 -11.99 16.94
C HIS B 183 -19.09 -12.11 15.60
N THR B 184 -19.81 -11.06 15.20
CA THR B 184 -20.45 -11.03 13.89
C THR B 184 -19.49 -10.62 12.79
N GLY B 185 -18.32 -10.10 13.13
CA GLY B 185 -17.34 -9.68 12.15
C GLY B 185 -15.96 -10.26 12.46
N ASP B 186 -15.04 -10.03 11.52
CA ASP B 186 -13.69 -10.56 11.67
C ASP B 186 -13.03 -9.97 12.91
N VAL B 187 -12.26 -10.80 13.60
CA VAL B 187 -11.49 -10.32 14.78
C VAL B 187 -10.14 -9.90 14.23
N MET B 188 -9.73 -8.67 14.50
CA MET B 188 -8.51 -8.10 13.93
C MET B 188 -7.36 -7.97 14.90
N SER B 189 -7.52 -8.38 16.16
CA SER B 189 -6.44 -8.28 17.13
C SER B 189 -6.89 -8.89 18.44
N LEU B 190 -5.95 -8.97 19.38
CA LEU B 190 -6.21 -9.35 20.75
C LEU B 190 -5.00 -8.99 21.58
N SER B 191 -5.14 -9.11 22.90
CA SER B 191 -4.04 -8.75 23.80
C SER B 191 -4.27 -9.44 25.14
N LEU B 192 -3.33 -10.28 25.54
CA LEU B 192 -3.42 -10.94 26.83
C LEU B 192 -3.39 -9.91 27.95
N ALA B 193 -4.05 -10.24 29.05
CA ALA B 193 -4.00 -9.39 30.22
C ALA B 193 -2.63 -9.52 30.90
N PRO B 194 -2.27 -8.56 31.75
CA PRO B 194 -0.95 -8.64 32.38
C PRO B 194 -0.73 -9.93 33.16
N ASP B 195 -1.77 -10.45 33.79
CA ASP B 195 -1.69 -11.71 34.52
C ASP B 195 -2.21 -12.90 33.73
N THR B 196 -2.58 -12.70 32.47
CA THR B 196 -3.04 -13.75 31.55
C THR B 196 -4.39 -14.32 31.95
N ARG B 197 -5.13 -13.67 32.85
CA ARG B 197 -6.46 -14.17 33.20
C ARG B 197 -7.45 -13.94 32.08
N LEU B 198 -7.43 -12.76 31.47
CA LEU B 198 -8.42 -12.37 30.47
C LEU B 198 -7.71 -11.89 29.22
N PHE B 199 -8.44 -11.88 28.11
CA PHE B 199 -7.91 -11.37 26.85
C PHE B 199 -9.07 -10.76 26.06
N VAL B 200 -8.82 -9.59 25.49
CA VAL B 200 -9.85 -8.80 24.82
C VAL B 200 -9.52 -8.69 23.34
N SER B 201 -10.51 -8.94 22.49
CA SER B 201 -10.36 -8.87 21.05
C SER B 201 -11.40 -7.93 20.47
N GLY B 202 -10.98 -7.14 19.50
CA GLY B 202 -11.88 -6.25 18.77
C GLY B 202 -12.10 -6.79 17.37
N ALA B 203 -13.33 -6.66 16.87
CA ALA B 203 -13.73 -7.29 15.62
C ALA B 203 -14.33 -6.25 14.69
N CYS B 204 -14.64 -6.68 13.47
CA CYS B 204 -15.16 -5.81 12.43
C CYS B 204 -16.67 -5.59 12.54
N ASP B 205 -17.15 -5.21 13.73
CA ASP B 205 -18.53 -4.79 13.89
C ASP B 205 -18.66 -3.64 14.89
N ALA B 206 -17.56 -3.03 15.31
CA ALA B 206 -17.53 -1.95 16.29
C ALA B 206 -17.73 -2.45 17.72
N SER B 207 -17.54 -3.73 17.97
CA SER B 207 -17.76 -4.32 19.28
C SER B 207 -16.50 -5.04 19.76
N ALA B 208 -16.11 -4.79 21.01
CA ALA B 208 -14.96 -5.43 21.63
C ALA B 208 -15.44 -6.31 22.77
N LYS B 209 -15.01 -7.57 22.78
CA LYS B 209 -15.53 -8.58 23.69
C LYS B 209 -14.43 -9.09 24.61
N LEU B 210 -14.72 -9.12 25.91
CA LEU B 210 -13.79 -9.58 26.93
C LEU B 210 -14.11 -11.02 27.31
N TRP B 211 -13.07 -11.84 27.44
CA TRP B 211 -13.24 -13.28 27.64
C TRP B 211 -12.50 -13.74 28.89
N ASP B 212 -12.87 -14.95 29.34
CA ASP B 212 -12.14 -15.66 30.36
C ASP B 212 -11.40 -16.82 29.71
N VAL B 213 -10.08 -16.86 29.89
CA VAL B 213 -9.27 -17.78 29.11
C VAL B 213 -9.52 -19.24 29.49
N ARG B 214 -10.08 -19.47 30.67
CA ARG B 214 -10.23 -20.85 31.17
C ARG B 214 -11.60 -21.44 30.87
N GLU B 215 -12.67 -20.69 31.16
CA GLU B 215 -14.02 -21.20 31.02
C GLU B 215 -14.53 -21.20 29.59
N GLY B 216 -13.77 -20.63 28.65
CA GLY B 216 -14.18 -20.62 27.26
C GLY B 216 -15.52 -19.94 27.05
N MET B 217 -15.74 -18.83 27.73
CA MET B 217 -16.98 -18.09 27.65
C MET B 217 -16.70 -16.60 27.52
N CYS B 218 -17.75 -15.83 27.28
CA CYS B 218 -17.65 -14.38 27.19
C CYS B 218 -18.00 -13.75 28.52
N ARG B 219 -17.52 -12.53 28.74
CA ARG B 219 -17.71 -11.82 30.00
C ARG B 219 -18.43 -10.50 29.84
N GLN B 220 -18.10 -9.73 28.80
CA GLN B 220 -18.73 -8.43 28.58
C GLN B 220 -18.73 -8.16 27.08
N THR B 221 -19.13 -6.93 26.72
CA THR B 221 -19.13 -6.49 25.33
C THR B 221 -19.20 -4.97 25.31
N PHE B 222 -18.22 -4.35 24.68
CA PHE B 222 -18.10 -2.90 24.65
C PHE B 222 -18.38 -2.39 23.24
N THR B 223 -19.19 -1.34 23.14
CA THR B 223 -19.57 -0.75 21.87
C THR B 223 -19.49 0.77 21.99
N GLY B 224 -19.49 1.44 20.83
CA GLY B 224 -19.36 2.91 20.83
C GLY B 224 -18.66 3.37 19.56
N HIS B 225 -17.99 2.44 18.88
CA HIS B 225 -17.34 2.78 17.62
C HIS B 225 -18.35 2.80 16.49
N GLU B 226 -18.00 3.50 15.41
CA GLU B 226 -18.87 3.60 14.24
C GLU B 226 -18.46 2.66 13.12
N SER B 227 -17.26 2.08 13.19
CA SER B 227 -16.76 1.23 12.13
C SER B 227 -15.86 0.17 12.75
N ASP B 228 -15.06 -0.48 11.91
CA ASP B 228 -14.23 -1.59 12.36
C ASP B 228 -13.27 -1.16 13.46
N ILE B 229 -12.65 -2.14 14.11
CA ILE B 229 -11.61 -1.90 15.11
C ILE B 229 -10.37 -2.65 14.68
N ASN B 230 -9.26 -1.93 14.51
CA ASN B 230 -8.05 -2.51 13.95
C ASN B 230 -6.96 -2.76 14.99
N ALA B 231 -7.04 -2.15 16.17
CA ALA B 231 -5.98 -2.29 17.16
C ALA B 231 -6.60 -2.34 18.55
N ILE B 232 -5.84 -2.90 19.49
CA ILE B 232 -6.31 -3.06 20.86
C ILE B 232 -5.10 -3.37 21.74
N CYS B 233 -5.21 -3.03 23.02
CA CYS B 233 -4.14 -3.30 23.97
C CYS B 233 -4.63 -3.00 25.37
N PHE B 234 -4.12 -3.75 26.34
CA PHE B 234 -4.47 -3.51 27.74
C PHE B 234 -3.66 -2.36 28.32
N PHE B 235 -4.33 -1.55 29.14
CA PHE B 235 -3.64 -0.58 29.98
C PHE B 235 -2.72 -1.33 30.94
N PRO B 236 -1.56 -0.77 31.29
CA PRO B 236 -0.56 -1.57 32.03
C PRO B 236 -1.09 -2.23 33.30
N ASN B 237 -1.97 -1.57 34.05
CA ASN B 237 -2.49 -2.18 35.27
C ASN B 237 -3.48 -3.30 35.01
N GLY B 238 -4.00 -3.42 33.79
CA GLY B 238 -4.92 -4.48 33.45
C GLY B 238 -6.38 -4.16 33.71
N ASN B 239 -6.70 -2.95 34.16
CA ASN B 239 -8.08 -2.58 34.47
C ASN B 239 -8.77 -1.81 33.35
N ALA B 240 -8.14 -1.70 32.18
CA ALA B 240 -8.72 -0.96 31.07
C ALA B 240 -8.01 -1.33 29.78
N PHE B 241 -8.53 -0.84 28.67
CA PHE B 241 -7.90 -1.05 27.38
C PHE B 241 -8.42 0.01 26.41
N ALA B 242 -7.69 0.18 25.31
CA ALA B 242 -8.02 1.17 24.30
C ALA B 242 -7.89 0.54 22.92
N THR B 243 -8.60 1.13 21.96
CA THR B 243 -8.67 0.59 20.60
C THR B 243 -8.75 1.72 19.60
N GLY B 244 -8.53 1.37 18.34
CA GLY B 244 -8.63 2.32 17.25
C GLY B 244 -9.59 1.79 16.19
N SER B 245 -10.27 2.72 15.52
CA SER B 245 -11.29 2.38 14.53
C SER B 245 -11.11 3.22 13.28
N ASP B 246 -11.72 2.76 12.19
CA ASP B 246 -11.60 3.47 10.91
C ASP B 246 -12.28 4.83 10.93
N ASP B 247 -13.09 5.13 11.95
CA ASP B 247 -13.70 6.45 12.04
C ASP B 247 -12.69 7.53 12.43
N ALA B 248 -11.40 7.20 12.53
CA ALA B 248 -10.36 8.15 12.88
C ALA B 248 -10.44 8.60 14.33
N THR B 249 -10.81 7.68 15.23
CA THR B 249 -10.89 7.98 16.65
C THR B 249 -10.32 6.83 17.46
N CYS B 250 -9.75 7.17 18.61
CA CYS B 250 -9.29 6.18 19.59
C CYS B 250 -10.10 6.33 20.86
N ARG B 251 -10.38 5.21 21.54
CA ARG B 251 -11.25 5.25 22.75
C ARG B 251 -10.66 4.43 23.90
N LEU B 252 -11.15 4.62 25.13
CA LEU B 252 -10.67 3.86 26.32
C LEU B 252 -11.86 3.29 27.10
N PHE B 253 -11.90 1.97 27.32
CA PHE B 253 -13.04 1.32 28.02
C PHE B 253 -12.56 0.65 29.32
N ASP B 254 -13.20 0.94 30.45
CA ASP B 254 -12.83 0.36 31.74
C ASP B 254 -13.67 -0.90 31.97
N LEU B 255 -13.00 -1.99 32.32
CA LEU B 255 -13.69 -3.25 32.52
C LEU B 255 -14.79 -3.13 33.56
N ARG B 256 -14.47 -2.55 34.72
CA ARG B 256 -15.45 -2.41 35.77
C ARG B 256 -16.59 -1.47 35.37
N ALA B 257 -16.26 -0.35 34.71
CA ALA B 257 -17.30 0.61 34.34
C ALA B 257 -18.23 0.04 33.27
N ASP B 258 -17.73 -0.88 32.44
CA ASP B 258 -18.53 -1.50 31.39
C ASP B 258 -18.99 -0.47 30.35
N GLN B 259 -18.25 0.64 30.27
CA GLN B 259 -18.65 1.74 29.35
C GLN B 259 -17.41 2.54 28.92
N GLU B 260 -17.53 3.32 27.83
CA GLU B 260 -16.38 4.10 27.31
C GLU B 260 -16.05 5.25 28.27
N LEU B 261 -14.76 5.52 28.49
CA LEU B 261 -14.34 6.58 29.44
C LEU B 261 -14.02 7.86 28.68
N MET B 262 -13.36 7.76 27.51
CA MET B 262 -12.96 8.97 26.75
C MET B 262 -12.73 8.61 25.28
N THR B 263 -12.71 9.62 24.40
CA THR B 263 -12.45 9.40 22.96
C THR B 263 -11.43 10.41 22.47
N TYR B 264 -10.48 9.96 21.64
CA TYR B 264 -9.45 10.83 21.09
C TYR B 264 -9.75 11.08 19.62
N SER B 265 -9.92 12.35 19.25
CA SER B 265 -10.22 12.71 17.87
C SER B 265 -9.76 14.13 17.61
N HIS B 266 -9.58 14.44 16.32
CA HIS B 266 -9.21 15.78 15.89
C HIS B 266 -9.68 15.97 14.45
N ASP B 267 -10.07 17.21 14.13
CA ASP B 267 -10.70 17.48 12.84
C ASP B 267 -9.76 17.14 11.68
N ASN B 268 -8.50 17.55 11.80
CA ASN B 268 -7.54 17.33 10.71
C ASN B 268 -7.36 15.85 10.40
N ILE B 269 -7.66 14.99 11.37
CA ILE B 269 -7.50 13.55 11.20
C ILE B 269 -8.77 13.01 10.56
N ILE B 270 -8.65 12.50 9.33
CA ILE B 270 -9.78 11.91 8.62
C ILE B 270 -9.42 10.53 8.10
N CYS B 271 -8.36 9.95 8.67
CA CYS B 271 -7.88 8.62 8.22
C CYS B 271 -8.08 7.61 9.36
N GLY B 272 -7.80 6.33 9.11
CA GLY B 272 -8.05 5.31 10.15
C GLY B 272 -6.82 4.89 10.90
N ILE B 273 -6.97 4.48 12.16
CA ILE B 273 -5.84 4.01 12.96
C ILE B 273 -5.55 2.57 12.59
N THR B 274 -4.29 2.16 12.72
CA THR B 274 -3.89 0.78 12.33
C THR B 274 -3.17 0.07 13.48
N SER B 275 -2.85 0.78 14.56
CA SER B 275 -2.08 0.18 15.64
C SER B 275 -2.18 1.08 16.86
N VAL B 276 -1.96 0.48 18.03
CA VAL B 276 -2.06 1.20 19.29
C VAL B 276 -1.13 0.55 20.30
N SER B 277 -0.67 1.35 21.26
CA SER B 277 0.17 0.85 22.34
C SER B 277 0.27 1.91 23.42
N PHE B 278 0.50 1.47 24.64
CA PHE B 278 0.69 2.36 25.79
C PHE B 278 2.17 2.42 26.15
N SER B 279 2.50 3.40 26.98
CA SER B 279 3.84 3.48 27.57
C SER B 279 3.87 2.70 28.87
N LYS B 280 5.08 2.56 29.43
CA LYS B 280 5.22 1.77 30.65
C LYS B 280 4.47 2.41 31.81
N SER B 281 4.54 3.73 31.93
CA SER B 281 3.84 4.43 33.01
C SER B 281 2.35 4.56 32.75
N GLY B 282 1.91 4.34 31.51
CA GLY B 282 0.50 4.47 31.18
C GLY B 282 0.01 5.89 31.04
N ARG B 283 0.91 6.87 31.04
CA ARG B 283 0.51 8.27 30.89
C ARG B 283 0.49 8.73 29.44
N LEU B 284 1.02 7.93 28.52
CA LEU B 284 1.03 8.27 27.11
C LEU B 284 0.30 7.20 26.32
N LEU B 285 -0.01 7.54 25.07
CA LEU B 285 -0.68 6.63 24.16
C LEU B 285 -0.26 6.96 22.74
N LEU B 286 0.27 5.96 22.03
CA LEU B 286 0.68 6.12 20.65
C LEU B 286 -0.33 5.45 19.74
N ALA B 287 -0.22 5.72 18.44
CA ALA B 287 -1.11 5.12 17.47
C ALA B 287 -0.60 5.42 16.07
N GLY B 288 -0.74 4.46 15.17
CA GLY B 288 -0.32 4.62 13.79
C GLY B 288 -1.51 4.98 12.91
N TYR B 289 -1.29 5.92 11.99
CA TYR B 289 -2.37 6.37 11.07
C TYR B 289 -1.95 6.04 9.64
N ASP B 290 -2.92 5.97 8.72
CA ASP B 290 -2.61 5.69 7.29
C ASP B 290 -2.07 6.98 6.64
N ASP B 291 -2.06 8.09 7.37
CA ASP B 291 -1.50 9.37 6.85
C ASP B 291 0.03 9.33 6.99
N PHE B 292 0.58 8.18 7.39
CA PHE B 292 2.06 8.02 7.52
C PHE B 292 2.58 8.72 8.78
N ASN B 293 1.70 9.13 9.71
CA ASN B 293 2.16 9.79 10.93
C ASN B 293 1.69 9.01 12.15
N CYS B 294 2.61 8.77 13.07
CA CYS B 294 2.22 8.36 14.41
C CYS B 294 1.81 9.60 15.21
N ASN B 295 1.25 9.37 16.38
CA ASN B 295 0.79 10.47 17.22
C ASN B 295 0.76 10.02 18.67
N VAL B 296 1.13 10.92 19.56
CA VAL B 296 1.17 10.65 21.00
C VAL B 296 0.04 11.43 21.64
N TRP B 297 -0.94 10.72 22.19
CA TRP B 297 -2.11 11.32 22.81
C TRP B 297 -1.96 11.27 24.33
N ASP B 298 -2.16 12.41 24.98
CA ASP B 298 -2.14 12.46 26.44
C ASP B 298 -3.37 11.75 26.97
N ALA B 299 -3.17 10.57 27.56
CA ALA B 299 -4.30 9.72 27.95
C ALA B 299 -5.26 10.46 28.87
N LEU B 300 -4.74 11.24 29.82
CA LEU B 300 -5.58 11.90 30.82
C LEU B 300 -6.08 13.26 30.36
N LYS B 301 -5.67 13.73 29.19
CA LYS B 301 -6.10 15.03 28.68
C LYS B 301 -6.69 14.97 27.28
N ALA B 302 -6.43 13.91 26.52
CA ALA B 302 -6.93 13.72 25.16
C ALA B 302 -6.33 14.70 24.16
N ASP B 303 -5.42 15.57 24.59
CA ASP B 303 -4.78 16.51 23.70
C ASP B 303 -3.48 15.91 23.16
N ARG B 304 -3.21 16.16 21.89
CA ARG B 304 -2.04 15.60 21.22
C ARG B 304 -0.78 16.23 21.80
N ALA B 305 0.22 15.40 22.08
CA ALA B 305 1.46 15.85 22.71
C ALA B 305 2.68 15.72 21.82
N GLY B 306 2.53 15.28 20.58
CA GLY B 306 3.66 15.18 19.68
C GLY B 306 3.31 14.37 18.46
N VAL B 307 4.34 14.17 17.63
CA VAL B 307 4.20 13.40 16.39
C VAL B 307 5.57 12.80 16.06
N LEU B 308 5.59 11.50 15.76
CA LEU B 308 6.81 10.83 15.32
C LEU B 308 6.84 10.72 13.80
N ALA B 309 6.89 11.86 13.14
CA ALA B 309 6.99 11.90 11.69
C ALA B 309 8.32 11.33 11.24
N GLY B 310 8.34 10.78 10.02
CA GLY B 310 9.55 10.21 9.50
C GLY B 310 9.34 8.96 8.65
N HIS B 311 8.13 8.42 8.63
CA HIS B 311 7.80 7.30 7.77
C HIS B 311 7.27 7.81 6.43
N ASP B 312 7.69 7.17 5.35
CA ASP B 312 7.28 7.55 4.01
C ASP B 312 6.01 6.84 3.56
N ASN B 313 5.43 5.97 4.39
CA ASN B 313 4.26 5.22 3.98
C ASN B 313 3.51 4.74 5.22
N ARG B 314 2.35 4.14 4.97
CA ARG B 314 1.42 3.67 6.03
C ARG B 314 2.12 2.98 7.19
N VAL B 315 1.75 3.36 8.41
CA VAL B 315 2.29 2.71 9.59
C VAL B 315 1.41 1.51 9.92
N SER B 316 2.01 0.32 9.91
CA SER B 316 1.26 -0.92 10.01
C SER B 316 1.50 -1.70 11.29
N CYS B 317 2.41 -1.25 12.15
CA CYS B 317 2.68 -1.94 13.40
C CYS B 317 3.35 -0.96 14.35
N LEU B 318 3.66 -1.43 15.56
CA LEU B 318 4.21 -0.60 16.60
C LEU B 318 4.49 -1.49 17.81
N GLY B 319 5.32 -1.00 18.73
CA GLY B 319 5.62 -1.76 19.92
C GLY B 319 6.43 -0.93 20.89
N VAL B 320 6.48 -1.41 22.13
CA VAL B 320 7.23 -0.78 23.20
C VAL B 320 7.81 -1.87 24.09
N THR B 321 9.05 -1.64 24.55
CA THR B 321 9.71 -2.63 25.38
C THR B 321 9.06 -2.70 26.76
N ASP B 322 9.29 -3.83 27.44
CA ASP B 322 8.77 -4.00 28.79
C ASP B 322 9.31 -2.92 29.72
N ASP B 323 10.60 -2.62 29.61
CA ASP B 323 11.24 -1.63 30.48
C ASP B 323 10.96 -0.20 30.03
N GLY B 324 10.44 0.00 28.83
CA GLY B 324 10.10 1.34 28.38
C GLY B 324 11.26 2.15 27.88
N MET B 325 12.30 1.49 27.34
CA MET B 325 13.48 2.19 26.86
C MET B 325 13.36 2.63 25.40
N ALA B 326 12.77 1.80 24.55
CA ALA B 326 12.79 2.06 23.12
C ALA B 326 11.49 1.62 22.45
N VAL B 327 10.82 2.57 21.82
CA VAL B 327 9.70 2.30 20.92
C VAL B 327 10.26 1.66 19.66
N ALA B 328 9.39 1.07 18.84
CA ALA B 328 9.78 0.62 17.52
C ALA B 328 8.55 0.63 16.64
N THR B 329 8.77 0.77 15.34
CA THR B 329 7.67 0.84 14.38
C THR B 329 8.11 0.28 13.05
N GLY B 330 7.20 -0.43 12.39
CA GLY B 330 7.36 -0.83 11.02
C GLY B 330 6.39 -0.07 10.13
N SER B 331 6.59 -0.19 8.82
CA SER B 331 5.75 0.53 7.88
C SER B 331 5.86 -0.14 6.52
N TRP B 332 4.94 0.24 5.63
CA TRP B 332 4.94 -0.32 4.29
C TRP B 332 6.15 0.13 3.48
N ASP B 333 6.91 1.10 3.97
CA ASP B 333 8.15 1.48 3.31
C ASP B 333 9.25 0.44 3.48
N SER B 334 9.03 -0.57 4.34
CA SER B 334 9.95 -1.69 4.53
C SER B 334 11.13 -1.33 5.42
N PHE B 335 11.04 -0.28 6.22
CA PHE B 335 12.10 0.08 7.16
C PHE B 335 11.51 0.21 8.56
N LEU B 336 12.28 -0.21 9.56
CA LEU B 336 11.95 0.00 10.95
C LEU B 336 12.67 1.24 11.48
N LYS B 337 12.20 1.74 12.62
CA LYS B 337 12.81 2.91 13.24
C LYS B 337 12.63 2.83 14.74
N ILE B 338 13.73 2.90 15.46
CA ILE B 338 13.71 2.91 16.92
C ILE B 338 13.68 4.35 17.40
N TRP B 339 12.76 4.66 18.31
CA TRP B 339 12.50 6.02 18.74
C TRP B 339 12.78 6.15 20.23
N ASN B 340 13.41 7.24 20.63
CA ASN B 340 13.65 7.52 22.04
C ASN B 340 13.24 8.95 22.39
N ALA C 3 -30.82 -22.61 13.14
CA ALA C 3 -32.22 -22.11 13.21
C ALA C 3 -32.27 -20.69 13.75
N SER C 4 -33.17 -19.87 13.20
CA SER C 4 -33.30 -18.49 13.67
C SER C 4 -33.74 -18.46 15.12
N ILE C 5 -34.62 -19.38 15.52
CA ILE C 5 -35.08 -19.42 16.91
C ILE C 5 -33.90 -19.68 17.83
N ALA C 6 -33.03 -20.62 17.48
CA ALA C 6 -31.87 -20.92 18.32
C ALA C 6 -30.96 -19.72 18.44
N GLN C 7 -30.69 -19.03 17.33
CA GLN C 7 -29.82 -17.87 17.37
C GLN C 7 -30.42 -16.76 18.24
N ALA C 8 -31.72 -16.52 18.09
CA ALA C 8 -32.37 -15.51 18.92
C ALA C 8 -32.33 -15.88 20.39
N ARG C 9 -32.54 -17.16 20.70
CA ARG C 9 -32.48 -17.60 22.09
C ARG C 9 -31.08 -17.41 22.66
N LYS C 10 -30.05 -17.75 21.89
CA LYS C 10 -28.68 -17.55 22.35
C LYS C 10 -28.39 -16.08 22.57
N LEU C 11 -28.85 -15.22 21.66
CA LEU C 11 -28.64 -13.77 21.83
C LEU C 11 -29.33 -13.28 23.11
N VAL C 12 -30.56 -13.73 23.35
CA VAL C 12 -31.28 -13.30 24.54
C VAL C 12 -30.56 -13.78 25.79
N GLU C 13 -30.08 -15.03 25.79
CA GLU C 13 -29.37 -15.55 26.94
C GLU C 13 -28.09 -14.77 27.20
N GLN C 14 -27.34 -14.46 26.14
CA GLN C 14 -26.11 -13.69 26.31
C GLN C 14 -26.39 -12.30 26.85
N LEU C 15 -27.44 -11.65 26.33
CA LEU C 15 -27.80 -10.33 26.84
C LEU C 15 -28.20 -10.39 28.31
N LYS C 16 -28.97 -11.42 28.68
CA LYS C 16 -29.37 -11.57 30.08
C LYS C 16 -28.16 -11.78 30.97
N MET C 17 -27.23 -12.64 30.53
CA MET C 17 -26.02 -12.87 31.31
C MET C 17 -25.22 -11.59 31.49
N GLU C 18 -25.06 -10.82 30.42
CA GLU C 18 -24.35 -9.55 30.53
C GLU C 18 -25.10 -8.55 31.40
N ALA C 19 -26.43 -8.65 31.47
CA ALA C 19 -27.20 -7.72 32.30
C ALA C 19 -26.85 -7.87 33.78
N ASN C 20 -26.57 -9.10 34.21
CA ASN C 20 -26.21 -9.38 35.60
C ASN C 20 -24.70 -9.35 35.72
N ILE C 21 -24.15 -8.13 35.70
CA ILE C 21 -22.71 -7.91 35.82
C ILE C 21 -22.47 -6.80 36.83
N ASP C 22 -21.52 -7.04 37.73
CA ASP C 22 -21.17 -6.05 38.72
C ASP C 22 -20.52 -4.84 38.06
N ARG C 23 -20.89 -3.65 38.52
CA ARG C 23 -20.39 -2.41 37.95
C ARG C 23 -19.95 -1.48 39.07
N ILE C 24 -19.02 -0.58 38.73
CA ILE C 24 -18.51 0.42 39.66
C ILE C 24 -18.61 1.79 39.00
N LYS C 25 -18.59 2.82 39.83
CA LYS C 25 -18.72 4.19 39.33
C LYS C 25 -17.56 4.52 38.41
N VAL C 26 -17.86 5.29 37.35
CA VAL C 26 -16.83 5.67 36.38
C VAL C 26 -15.76 6.52 37.05
N SER C 27 -16.19 7.44 37.94
CA SER C 27 -15.22 8.28 38.64
C SER C 27 -14.18 7.43 39.36
N LYS C 28 -14.59 6.27 39.89
CA LYS C 28 -13.63 5.38 40.54
C LYS C 28 -12.60 4.88 39.56
N ALA C 29 -13.02 4.52 38.35
CA ALA C 29 -12.07 4.07 37.33
C ALA C 29 -11.11 5.19 36.95
N ALA C 30 -11.63 6.40 36.78
CA ALA C 30 -10.77 7.54 36.45
C ALA C 30 -9.75 7.78 37.55
N ALA C 31 -10.19 7.71 38.81
CA ALA C 31 -9.28 7.89 39.93
C ALA C 31 -8.22 6.80 39.95
N ASP C 32 -8.61 5.55 39.69
CA ASP C 32 -7.64 4.47 39.68
C ASP C 32 -6.58 4.68 38.60
N LEU C 33 -7.02 5.05 37.39
CA LEU C 33 -6.06 5.29 36.31
C LEU C 33 -5.15 6.46 36.64
N MET C 34 -5.71 7.54 37.18
CA MET C 34 -4.89 8.70 37.54
C MET C 34 -3.86 8.31 38.60
N ALA C 35 -4.28 7.55 39.60
CA ALA C 35 -3.37 7.13 40.65
C ALA C 35 -2.24 6.27 40.08
N TYR C 36 -2.58 5.32 39.20
CA TYR C 36 -1.53 4.48 38.63
C TYR C 36 -0.56 5.32 37.80
N CYS C 37 -1.08 6.24 36.99
CA CYS C 37 -0.21 7.07 36.17
C CYS C 37 0.70 7.93 37.03
N GLU C 38 0.16 8.50 38.11
CA GLU C 38 0.98 9.34 38.98
C GLU C 38 2.04 8.51 39.71
N ALA C 39 1.68 7.30 40.13
CA ALA C 39 2.61 6.50 40.92
C ALA C 39 3.88 6.17 40.14
N HIS C 40 3.73 5.79 38.86
CA HIS C 40 4.86 5.44 38.02
C HIS C 40 5.29 6.59 37.11
N ALA C 41 4.91 7.82 37.45
CA ALA C 41 5.24 8.95 36.60
C ALA C 41 6.74 9.16 36.46
N LYS C 42 7.55 8.59 37.36
CA LYS C 42 8.99 8.77 37.33
C LYS C 42 9.73 7.51 36.89
N GLU C 43 9.05 6.59 36.21
CA GLU C 43 9.65 5.32 35.80
C GLU C 43 9.32 5.03 34.34
N ASP C 44 9.50 6.02 33.48
CA ASP C 44 9.30 5.85 32.04
C ASP C 44 10.20 6.84 31.32
N PRO C 45 11.32 6.39 30.75
CA PRO C 45 12.20 7.34 30.05
C PRO C 45 11.51 8.12 28.96
N LEU C 46 10.58 7.50 28.23
CA LEU C 46 9.88 8.22 27.18
C LEU C 46 9.09 9.38 27.74
N LEU C 47 8.55 9.23 28.95
CA LEU C 47 7.84 10.34 29.59
C LEU C 47 8.79 11.51 29.86
N THR C 48 9.99 11.22 30.35
CA THR C 48 10.99 12.24 30.63
C THR C 48 12.36 11.74 30.16
N PRO C 49 13.03 12.46 29.25
CA PRO C 49 14.29 11.93 28.70
C PRO C 49 15.31 11.66 29.80
N VAL C 50 16.02 10.54 29.67
CA VAL C 50 17.06 10.15 30.61
C VAL C 50 18.40 10.70 30.11
N PRO C 51 19.41 10.81 30.97
CA PRO C 51 20.71 11.30 30.49
C PRO C 51 21.30 10.38 29.44
N ALA C 52 22.08 10.97 28.53
CA ALA C 52 22.64 10.21 27.42
C ALA C 52 23.53 9.07 27.89
N SER C 53 24.07 9.15 29.11
CA SER C 53 24.90 8.08 29.62
C SER C 53 24.09 6.82 29.89
N GLU C 54 22.79 6.96 30.13
CA GLU C 54 21.94 5.82 30.48
C GLU C 54 21.34 5.14 29.26
N ASN C 55 20.74 5.91 28.35
CA ASN C 55 20.05 5.34 27.20
C ASN C 55 21.04 4.59 26.32
N PRO C 56 20.85 3.28 26.07
CA PRO C 56 21.82 2.55 25.23
C PRO C 56 21.83 3.00 23.78
N PHE C 57 20.81 3.75 23.33
CA PHE C 57 20.71 4.17 21.94
C PHE C 57 21.34 5.53 21.69
N ARG C 58 22.33 5.92 22.50
CA ARG C 58 23.01 7.20 22.32
C ARG C 58 23.65 7.27 20.93
N VAL D 2 -24.66 1.62 16.17
CA VAL D 2 -25.16 1.56 14.81
C VAL D 2 -26.53 0.91 14.81
N GLN D 3 -27.49 1.55 14.15
CA GLN D 3 -28.87 1.07 14.12
C GLN D 3 -29.53 1.55 12.83
N LEU D 4 -30.26 0.65 12.18
CA LEU D 4 -30.95 0.96 10.93
C LEU D 4 -32.30 0.25 10.95
N GLN D 5 -33.37 1.00 11.19
CA GLN D 5 -34.70 0.44 11.37
C GLN D 5 -35.62 0.94 10.26
N GLU D 6 -36.12 0.02 9.44
CA GLU D 6 -37.04 0.37 8.38
C GLU D 6 -38.46 0.56 8.92
N SER D 7 -39.31 1.15 8.10
CA SER D 7 -40.70 1.37 8.46
C SER D 7 -41.45 1.87 7.24
N GLY D 8 -42.78 1.71 7.27
CA GLY D 8 -43.64 2.21 6.23
C GLY D 8 -44.05 1.21 5.16
N GLY D 9 -43.78 -0.07 5.36
CA GLY D 9 -44.15 -1.07 4.39
C GLY D 9 -45.63 -1.42 4.47
N GLY D 10 -46.01 -2.40 3.66
CA GLY D 10 -47.39 -2.86 3.63
C GLY D 10 -47.73 -3.72 2.44
N LEU D 11 -49.00 -3.72 2.04
CA LEU D 11 -49.50 -4.51 0.92
C LEU D 11 -50.12 -3.58 -0.11
N VAL D 12 -49.82 -3.84 -1.38
CA VAL D 12 -50.30 -3.00 -2.47
C VAL D 12 -50.51 -3.87 -3.70
N GLN D 13 -51.58 -3.60 -4.45
CA GLN D 13 -51.85 -4.33 -5.66
C GLN D 13 -50.89 -3.90 -6.76
N PRO D 14 -50.77 -4.71 -7.83
CA PRO D 14 -49.82 -4.37 -8.89
C PRO D 14 -50.10 -2.99 -9.47
N GLY D 15 -49.02 -2.25 -9.75
CA GLY D 15 -49.12 -0.93 -10.31
C GLY D 15 -49.37 0.19 -9.31
N GLY D 16 -49.44 -0.13 -8.02
CA GLY D 16 -49.72 0.87 -7.00
C GLY D 16 -48.51 1.73 -6.68
N SER D 17 -48.42 2.15 -5.42
CA SER D 17 -47.32 2.97 -4.96
C SER D 17 -47.18 2.83 -3.45
N LEU D 18 -46.00 3.17 -2.94
CA LEU D 18 -45.71 3.07 -1.53
C LEU D 18 -44.37 3.74 -1.24
N ARG D 19 -44.23 4.26 -0.03
CA ARG D 19 -43.04 4.99 0.39
C ARG D 19 -42.40 4.30 1.59
N LEU D 20 -41.08 4.15 1.53
CA LEU D 20 -40.31 3.51 2.59
C LEU D 20 -39.44 4.55 3.28
N SER D 21 -39.49 4.58 4.61
CA SER D 21 -38.72 5.52 5.42
C SER D 21 -37.75 4.73 6.29
N CYS D 22 -36.47 5.11 6.24
CA CYS D 22 -35.41 4.47 7.01
C CYS D 22 -34.97 5.43 8.11
N ALA D 23 -35.05 4.97 9.36
CA ALA D 23 -34.65 5.74 10.52
C ALA D 23 -33.34 5.18 11.06
N ALA D 24 -32.35 6.05 11.22
CA ALA D 24 -31.01 5.64 11.63
C ALA D 24 -30.54 6.48 12.81
N SER D 25 -29.66 5.89 13.62
CA SER D 25 -29.06 6.59 14.76
C SER D 25 -27.78 5.87 15.12
N GLY D 26 -26.94 6.56 15.89
CA GLY D 26 -25.67 6.01 16.34
C GLY D 26 -24.47 6.45 15.54
N PHE D 27 -24.65 7.22 14.47
CA PHE D 27 -23.53 7.70 13.69
C PHE D 27 -23.94 8.96 12.94
N THR D 28 -22.95 9.74 12.51
CA THR D 28 -23.19 10.97 11.78
C THR D 28 -23.60 10.64 10.35
N PHE D 29 -24.84 10.99 9.98
CA PHE D 29 -25.40 10.52 8.71
C PHE D 29 -24.62 11.05 7.52
N SER D 30 -24.18 12.31 7.58
CA SER D 30 -23.66 12.97 6.38
C SER D 30 -22.42 12.27 5.83
N ASN D 31 -21.55 11.77 6.70
CA ASN D 31 -20.25 11.26 6.27
C ASN D 31 -20.34 9.94 5.51
N TYR D 32 -21.48 9.26 5.53
CA TYR D 32 -21.58 7.90 5.03
C TYR D 32 -22.49 7.83 3.80
N LYS D 33 -22.05 7.08 2.81
CA LYS D 33 -22.89 6.75 1.67
C LYS D 33 -24.07 5.91 2.15
N MET D 34 -25.03 5.67 1.27
CA MET D 34 -26.23 4.92 1.63
C MET D 34 -26.69 4.05 0.48
N ASN D 35 -27.32 2.92 0.81
CA ASN D 35 -27.73 1.92 -0.16
C ASN D 35 -29.10 1.37 0.22
N TRP D 36 -29.79 0.84 -0.79
CA TRP D 36 -30.98 0.01 -0.61
C TRP D 36 -30.71 -1.36 -1.22
N VAL D 37 -31.01 -2.40 -0.46
CA VAL D 37 -30.79 -3.77 -0.90
C VAL D 37 -31.96 -4.63 -0.43
N ARG D 38 -32.38 -5.55 -1.29
CA ARG D 38 -33.53 -6.40 -1.02
C ARG D 38 -33.20 -7.84 -1.41
N GLN D 39 -33.85 -8.78 -0.74
CA GLN D 39 -33.69 -10.20 -1.01
C GLN D 39 -35.05 -10.84 -1.22
N ALA D 40 -35.13 -11.72 -2.21
CA ALA D 40 -36.39 -12.37 -2.59
C ALA D 40 -36.30 -13.87 -2.34
N PRO D 41 -37.44 -14.54 -2.17
CA PRO D 41 -37.41 -15.96 -1.83
C PRO D 41 -36.64 -16.78 -2.86
N GLY D 42 -35.89 -17.76 -2.38
CA GLY D 42 -35.15 -18.65 -3.26
C GLY D 42 -33.98 -18.01 -3.97
N LYS D 43 -33.64 -16.77 -3.65
CA LYS D 43 -32.56 -16.06 -4.30
C LYS D 43 -31.74 -15.32 -3.26
N GLY D 44 -30.46 -15.11 -3.58
CA GLY D 44 -29.59 -14.34 -2.72
C GLY D 44 -29.88 -12.85 -2.82
N LEU D 45 -29.13 -12.08 -2.05
CA LEU D 45 -29.30 -10.64 -2.07
C LEU D 45 -28.90 -10.07 -3.42
N GLU D 46 -29.57 -9.00 -3.83
CA GLU D 46 -29.27 -8.29 -5.07
C GLU D 46 -29.34 -6.79 -4.80
N TRP D 47 -28.53 -6.03 -5.51
CA TRP D 47 -28.42 -4.60 -5.25
C TRP D 47 -29.51 -3.83 -5.99
N VAL D 48 -29.89 -2.68 -5.45
CA VAL D 48 -30.97 -1.88 -6.00
C VAL D 48 -30.48 -0.47 -6.35
N SER D 49 -30.04 0.28 -5.34
CA SER D 49 -29.76 1.70 -5.54
C SER D 49 -28.80 2.18 -4.45
N ASP D 50 -28.27 3.38 -4.67
CA ASP D 50 -27.43 4.04 -3.68
C ASP D 50 -27.46 5.54 -3.94
N ILE D 51 -27.03 6.31 -2.94
CA ILE D 51 -27.01 7.76 -3.02
C ILE D 51 -25.75 8.26 -2.33
N SER D 52 -25.18 9.35 -2.84
CA SER D 52 -23.92 9.87 -2.33
C SER D 52 -24.14 10.51 -0.95
N GLN D 53 -23.06 11.10 -0.44
CA GLN D 53 -23.13 11.77 0.87
C GLN D 53 -24.12 12.91 0.84
N SER D 54 -23.98 13.81 -0.14
CA SER D 54 -24.88 14.96 -0.28
C SER D 54 -26.03 14.71 -1.24
N GLY D 55 -26.07 13.56 -1.90
CA GLY D 55 -27.10 13.29 -2.88
C GLY D 55 -26.80 13.78 -4.27
N ALA D 56 -25.61 14.33 -4.51
CA ALA D 56 -25.27 14.83 -5.83
C ALA D 56 -25.16 13.72 -6.87
N SER D 57 -24.89 12.49 -6.44
CA SER D 57 -24.74 11.35 -7.34
C SER D 57 -25.76 10.28 -6.97
N ILE D 58 -26.43 9.72 -7.98
CA ILE D 58 -27.41 8.67 -7.79
C ILE D 58 -27.18 7.60 -8.85
N SER D 59 -27.70 6.40 -8.58
CA SER D 59 -27.60 5.30 -9.54
C SER D 59 -28.60 4.23 -9.15
N TYR D 60 -29.11 3.51 -10.15
CA TYR D 60 -30.11 2.47 -9.95
C TYR D 60 -29.68 1.21 -10.69
N THR D 61 -30.24 0.08 -10.26
CA THR D 61 -30.18 -1.12 -11.07
C THR D 61 -31.06 -0.94 -12.30
N GLY D 62 -30.67 -1.57 -13.41
CA GLY D 62 -31.35 -1.32 -14.67
C GLY D 62 -32.83 -1.64 -14.62
N SER D 63 -33.19 -2.80 -14.05
CA SER D 63 -34.59 -3.23 -14.08
C SER D 63 -35.51 -2.31 -13.30
N VAL D 64 -34.97 -1.45 -12.45
CA VAL D 64 -35.76 -0.52 -11.65
C VAL D 64 -35.75 0.90 -12.21
N LYS D 65 -34.86 1.13 -13.19
CA LYS D 65 -34.67 2.50 -13.71
C LYS D 65 -36.00 3.17 -14.08
N GLY D 66 -36.20 4.41 -13.63
CA GLY D 66 -37.37 5.18 -14.00
C GLY D 66 -38.64 4.84 -13.25
N ARG D 67 -38.59 3.87 -12.33
CA ARG D 67 -39.78 3.48 -11.57
C ARG D 67 -39.75 4.06 -10.15
N PHE D 68 -38.69 3.75 -9.40
CA PHE D 68 -38.59 4.19 -8.03
C PHE D 68 -37.81 5.51 -7.95
N THR D 69 -37.59 5.99 -6.73
CA THR D 69 -36.82 7.20 -6.49
C THR D 69 -36.13 7.09 -5.14
N ILE D 70 -34.91 7.60 -5.07
CA ILE D 70 -34.08 7.54 -3.87
C ILE D 70 -33.78 8.97 -3.43
N SER D 71 -33.97 9.24 -2.15
CA SER D 71 -33.70 10.56 -1.60
C SER D 71 -33.35 10.43 -0.13
N ARG D 72 -32.39 11.24 0.31
CA ARG D 72 -31.91 11.21 1.69
C ARG D 72 -32.01 12.61 2.29
N ASP D 73 -32.40 12.67 3.56
CA ASP D 73 -32.52 13.92 4.30
C ASP D 73 -31.47 13.89 5.40
N ASN D 74 -30.25 14.34 5.08
CA ASN D 74 -29.18 14.32 6.07
C ASN D 74 -29.54 15.11 7.30
N ALA D 75 -30.29 16.21 7.15
CA ALA D 75 -30.73 16.99 8.30
C ALA D 75 -31.62 16.17 9.24
N LYS D 76 -32.33 15.18 8.72
CA LYS D 76 -33.16 14.30 9.52
C LYS D 76 -32.60 12.88 9.58
N ASN D 77 -31.35 12.68 9.15
CA ASN D 77 -30.67 11.39 9.22
C ASN D 77 -31.60 10.24 8.85
N THR D 78 -32.34 10.44 7.76
CA THR D 78 -33.28 9.44 7.26
C THR D 78 -33.12 9.29 5.75
N LEU D 79 -33.44 8.10 5.27
CA LEU D 79 -33.37 7.77 3.85
C LEU D 79 -34.77 7.43 3.35
N TYR D 80 -34.99 7.60 2.06
CA TYR D 80 -36.30 7.38 1.45
C TYR D 80 -36.16 6.57 0.17
N LEU D 81 -37.16 5.73 -0.09
CA LEU D 81 -37.36 5.09 -1.38
C LEU D 81 -38.82 5.25 -1.75
N GLN D 82 -39.10 5.54 -3.01
CA GLN D 82 -40.45 5.78 -3.50
C GLN D 82 -40.82 4.68 -4.48
N MET D 83 -42.04 4.16 -4.37
CA MET D 83 -42.51 3.05 -5.17
C MET D 83 -43.65 3.50 -6.07
N ASN D 84 -43.55 3.17 -7.35
CA ASN D 84 -44.62 3.44 -8.32
C ASN D 84 -44.52 2.41 -9.44
N SER D 85 -45.69 1.96 -9.90
CA SER D 85 -45.78 0.99 -10.99
C SER D 85 -45.07 -0.31 -10.63
N LEU D 86 -45.45 -0.87 -9.49
CA LEU D 86 -44.79 -2.08 -8.99
C LEU D 86 -45.26 -3.30 -9.78
N LYS D 87 -44.32 -4.10 -10.25
CA LYS D 87 -44.62 -5.34 -10.95
C LYS D 87 -44.72 -6.50 -9.97
N PRO D 88 -45.12 -7.68 -10.43
CA PRO D 88 -45.21 -8.83 -9.52
C PRO D 88 -43.89 -9.20 -8.87
N GLU D 89 -42.76 -8.93 -9.51
CA GLU D 89 -41.47 -9.36 -8.99
C GLU D 89 -40.94 -8.46 -7.88
N ASP D 90 -41.71 -7.48 -7.42
CA ASP D 90 -41.25 -6.58 -6.37
C ASP D 90 -41.41 -7.17 -4.98
N THR D 91 -42.07 -8.32 -4.84
CA THR D 91 -42.29 -8.92 -3.53
C THR D 91 -40.96 -9.32 -2.90
N ALA D 92 -40.54 -8.59 -1.87
CA ALA D 92 -39.30 -8.88 -1.16
C ALA D 92 -39.17 -7.93 0.00
N VAL D 93 -38.22 -8.24 0.89
CA VAL D 93 -37.90 -7.39 2.03
C VAL D 93 -36.78 -6.44 1.61
N TYR D 94 -36.80 -5.23 2.14
CA TYR D 94 -35.88 -4.17 1.73
C TYR D 94 -34.98 -3.79 2.90
N TYR D 95 -33.68 -4.02 2.74
CA TYR D 95 -32.69 -3.76 3.77
C TYR D 95 -32.10 -2.37 3.57
N CYS D 96 -32.12 -1.57 4.63
CA CYS D 96 -31.50 -0.25 4.61
C CYS D 96 -30.05 -0.37 5.07
N ALA D 97 -29.11 -0.13 4.15
CA ALA D 97 -27.71 -0.47 4.38
C ALA D 97 -26.86 0.79 4.50
N ARG D 98 -25.58 0.57 4.75
CA ARG D 98 -24.61 1.65 4.96
C ARG D 98 -23.22 1.13 4.62
N CYS D 99 -22.36 2.01 4.11
CA CYS D 99 -21.02 1.60 3.74
C CYS D 99 -20.13 1.48 4.99
N PRO D 100 -19.09 0.65 4.94
CA PRO D 100 -18.29 0.42 6.15
C PRO D 100 -17.51 1.64 6.60
N ALA D 101 -16.79 2.30 5.70
CA ALA D 101 -15.90 3.38 6.08
C ALA D 101 -16.42 4.72 5.55
N PRO D 102 -16.29 5.80 6.31
CA PRO D 102 -16.71 7.11 5.81
C PRO D 102 -15.67 7.72 4.88
N PHE D 103 -16.10 8.75 4.16
CA PHE D 103 -15.22 9.57 3.34
C PHE D 103 -14.62 8.80 2.17
N THR D 104 -15.04 7.55 1.98
CA THR D 104 -14.50 6.74 0.91
C THR D 104 -15.49 6.63 -0.24
N ARG D 105 -14.95 6.40 -1.44
CA ARG D 105 -15.78 6.22 -2.62
C ARG D 105 -16.21 4.77 -2.81
N ASP D 106 -15.34 3.82 -2.50
CA ASP D 106 -15.68 2.41 -2.62
C ASP D 106 -16.66 2.01 -1.52
N CYS D 107 -17.32 0.86 -1.74
CA CYS D 107 -18.27 0.31 -0.79
C CYS D 107 -18.26 -1.21 -0.95
N PHE D 108 -17.69 -1.89 0.04
CA PHE D 108 -17.55 -3.34 -0.03
C PHE D 108 -18.61 -4.03 0.84
N ASP D 109 -18.93 -5.26 0.45
CA ASP D 109 -19.55 -6.23 1.35
C ASP D 109 -21.01 -5.94 1.66
N VAL D 110 -21.58 -4.87 1.10
CA VAL D 110 -22.94 -4.51 1.46
C VAL D 110 -23.91 -5.65 1.18
N THR D 111 -23.74 -6.35 0.06
CA THR D 111 -24.60 -7.47 -0.29
C THR D 111 -24.11 -8.79 0.30
N SER D 112 -23.29 -8.74 1.35
CA SER D 112 -22.75 -9.95 1.95
C SER D 112 -23.81 -10.66 2.79
N THR D 113 -23.61 -11.97 2.96
CA THR D 113 -24.56 -12.78 3.70
C THR D 113 -24.68 -12.33 5.15
N THR D 114 -23.65 -11.70 5.70
CA THR D 114 -23.61 -11.36 7.12
C THR D 114 -23.09 -9.95 7.38
N TYR D 115 -23.41 -9.00 6.51
CA TYR D 115 -22.98 -7.63 6.72
C TYR D 115 -23.47 -7.14 8.08
N ALA D 116 -22.62 -6.36 8.76
CA ALA D 116 -22.85 -6.06 10.16
C ALA D 116 -23.78 -4.86 10.35
N TYR D 117 -23.68 -3.84 9.49
CA TYR D 117 -24.43 -2.59 9.64
C TYR D 117 -25.68 -2.57 8.77
N ARG D 118 -26.34 -3.70 8.60
CA ARG D 118 -27.49 -3.82 7.71
C ARG D 118 -28.74 -4.13 8.52
N GLY D 119 -29.76 -3.30 8.36
CA GLY D 119 -30.97 -3.44 9.14
C GLY D 119 -31.67 -4.77 8.93
N GLN D 120 -32.78 -4.94 9.65
CA GLN D 120 -33.54 -6.17 9.57
C GLN D 120 -34.50 -6.20 8.38
N GLY D 121 -34.75 -5.05 7.75
CA GLY D 121 -35.57 -5.00 6.57
C GLY D 121 -37.06 -4.88 6.87
N THR D 122 -37.80 -4.45 5.86
CA THR D 122 -39.25 -4.35 5.93
C THR D 122 -39.85 -5.01 4.69
N GLN D 123 -41.06 -5.55 4.85
CA GLN D 123 -41.68 -6.35 3.81
C GLN D 123 -42.62 -5.52 2.96
N VAL D 124 -42.54 -5.69 1.64
CA VAL D 124 -43.50 -5.13 0.70
C VAL D 124 -43.97 -6.27 -0.18
N THR D 125 -45.29 -6.43 -0.28
CA THR D 125 -45.90 -7.54 -1.01
C THR D 125 -46.78 -6.98 -2.12
N VAL D 126 -46.74 -7.63 -3.28
CA VAL D 126 -47.52 -7.21 -4.43
C VAL D 126 -48.15 -8.43 -5.11
N GLU E 148 35.58 40.18 -33.37
CA GLU E 148 34.54 40.35 -32.36
C GLU E 148 33.74 39.06 -32.18
N GLN E 149 33.69 38.25 -33.24
CA GLN E 149 32.95 37.00 -33.16
C GLN E 149 33.52 36.07 -32.09
N LEU E 150 34.85 35.94 -32.04
CA LEU E 150 35.46 35.11 -31.02
C LEU E 150 35.19 35.66 -29.63
N LEU E 151 35.29 36.99 -29.48
CA LEU E 151 35.05 37.60 -28.17
C LEU E 151 33.62 37.32 -27.70
N PHE E 152 32.64 37.46 -28.60
CA PHE E 152 31.26 37.23 -28.19
C PHE E 152 31.00 35.76 -27.93
N LEU E 153 31.59 34.87 -28.71
CA LEU E 153 31.43 33.44 -28.45
C LEU E 153 31.98 33.09 -27.07
N TYR E 154 33.17 33.61 -26.74
CA TYR E 154 33.73 33.43 -25.41
C TYR E 154 32.78 33.95 -24.34
N ILE E 155 32.28 35.18 -24.52
CA ILE E 155 31.39 35.77 -23.54
C ILE E 155 30.18 34.88 -23.32
N ILE E 156 29.67 34.29 -24.40
CA ILE E 156 28.51 33.41 -24.28
C ILE E 156 28.86 32.16 -23.48
N TYR E 157 29.78 31.34 -23.99
CA TYR E 157 29.87 30.00 -23.42
C TYR E 157 30.63 29.98 -22.09
N THR E 158 31.43 30.99 -21.77
CA THR E 158 32.00 31.04 -20.44
C THR E 158 30.91 31.18 -19.39
N VAL E 159 30.02 32.16 -19.58
CA VAL E 159 28.90 32.33 -18.66
C VAL E 159 28.01 31.10 -18.66
N GLY E 160 27.82 30.49 -19.84
CA GLY E 160 27.00 29.29 -19.90
C GLY E 160 27.56 28.16 -19.06
N TYR E 161 28.87 27.90 -19.19
CA TYR E 161 29.50 26.86 -18.40
C TYR E 161 29.45 27.20 -16.91
N ALA E 162 29.66 28.47 -16.56
CA ALA E 162 29.61 28.86 -15.16
C ALA E 162 28.23 28.58 -14.57
N LEU E 163 27.18 28.96 -15.29
CA LEU E 163 25.83 28.71 -14.80
C LEU E 163 25.53 27.21 -14.73
N SER E 164 25.99 26.46 -15.73
CA SER E 164 25.78 25.01 -15.69
C SER E 164 26.44 24.40 -14.46
N PHE E 165 27.67 24.80 -14.16
CA PHE E 165 28.35 24.30 -12.98
C PHE E 165 27.62 24.71 -11.70
N SER E 166 27.16 25.96 -11.64
CA SER E 166 26.47 26.44 -10.45
C SER E 166 25.18 25.67 -10.21
N ALA E 167 24.48 25.30 -11.29
CA ALA E 167 23.27 24.50 -11.12
C ALA E 167 23.60 23.06 -10.77
N LEU E 168 24.64 22.51 -11.39
CA LEU E 168 24.98 21.10 -11.18
C LEU E 168 25.42 20.85 -9.74
N VAL E 169 26.17 21.76 -9.14
CA VAL E 169 26.61 21.53 -7.76
C VAL E 169 25.40 21.38 -6.84
N ILE E 170 24.43 22.29 -6.97
CA ILE E 170 23.25 22.23 -6.11
C ILE E 170 22.43 20.98 -6.43
N ALA E 171 22.31 20.64 -7.71
CA ALA E 171 21.54 19.45 -8.06
C ALA E 171 22.14 18.20 -7.44
N SER E 172 23.47 18.05 -7.54
CA SER E 172 24.12 16.90 -6.94
C SER E 172 23.97 16.90 -5.43
N ALA E 173 24.08 18.08 -4.81
CA ALA E 173 23.91 18.15 -3.36
C ALA E 173 22.52 17.69 -2.96
N ILE E 174 21.49 18.14 -3.68
CA ILE E 174 20.12 17.72 -3.36
C ILE E 174 19.95 16.23 -3.57
N LEU E 175 20.48 15.70 -4.68
CA LEU E 175 20.29 14.28 -4.97
C LEU E 175 20.96 13.41 -3.91
N LEU E 176 22.16 13.80 -3.47
CA LEU E 176 22.86 13.04 -2.43
C LEU E 176 22.26 13.26 -1.05
N GLY E 177 21.60 14.39 -0.82
CA GLY E 177 21.06 14.69 0.50
C GLY E 177 20.01 13.69 0.96
N PHE E 178 18.87 13.68 0.28
CA PHE E 178 17.77 12.80 0.68
C PHE E 178 18.13 11.36 0.41
N ARG E 179 18.17 10.55 1.48
CA ARG E 179 18.47 9.13 1.32
C ARG E 179 17.33 8.37 0.66
N HIS E 180 16.13 8.93 0.66
CA HIS E 180 14.99 8.26 0.05
C HIS E 180 15.23 8.03 -1.43
N LEU E 181 15.76 9.03 -2.13
CA LEU E 181 15.89 8.99 -3.58
C LEU E 181 17.00 8.05 -4.05
N HIS E 182 17.74 7.40 -3.15
CA HIS E 182 18.84 6.55 -3.57
C HIS E 182 18.36 5.37 -4.39
N CYS E 183 18.67 5.37 -5.69
CA CYS E 183 18.37 4.27 -6.57
C CYS E 183 19.35 4.32 -7.74
N THR E 184 19.44 3.22 -8.48
CA THR E 184 20.41 3.13 -9.57
C THR E 184 20.29 4.33 -10.51
N ARG E 185 19.07 4.71 -10.85
CA ARG E 185 18.86 5.83 -11.77
C ARG E 185 19.53 7.09 -11.23
N ASN E 186 19.32 7.39 -9.95
CA ASN E 186 19.91 8.59 -9.38
C ASN E 186 21.43 8.48 -9.29
N TYR E 187 21.96 7.26 -9.13
CA TYR E 187 23.42 7.10 -9.16
C TYR E 187 23.98 7.46 -10.53
N ILE E 188 23.33 6.98 -11.60
CA ILE E 188 23.78 7.33 -12.94
C ILE E 188 23.68 8.83 -13.16
N HIS E 189 22.58 9.44 -12.69
CA HIS E 189 22.43 10.89 -12.81
C HIS E 189 23.55 11.62 -12.08
N LEU E 190 23.91 11.15 -10.89
CA LEU E 190 24.99 11.78 -10.13
C LEU E 190 26.31 11.68 -10.88
N ASN E 191 26.57 10.53 -11.49
CA ASN E 191 27.78 10.41 -12.29
C ASN E 191 27.79 11.41 -13.45
N LEU E 192 26.63 11.59 -14.09
CA LEU E 192 26.53 12.60 -15.13
C LEU E 192 26.85 13.99 -14.58
N PHE E 193 26.33 14.31 -13.40
CA PHE E 193 26.60 15.61 -12.79
C PHE E 193 28.08 15.79 -12.53
N ALA E 194 28.75 14.74 -12.06
CA ALA E 194 30.19 14.80 -11.84
C ALA E 194 30.92 15.06 -13.14
N SER E 195 30.50 14.41 -14.22
CA SER E 195 31.14 14.63 -15.52
C SER E 195 31.00 16.09 -15.97
N PHE E 196 29.80 16.66 -15.83
CA PHE E 196 29.64 18.08 -16.14
C PHE E 196 30.56 18.95 -15.31
N ILE E 197 30.63 18.68 -14.00
CA ILE E 197 31.46 19.52 -13.14
C ILE E 197 32.91 19.47 -13.59
N LEU E 198 33.41 18.27 -13.86
CA LEU E 198 34.81 18.15 -14.28
C LEU E 198 35.06 18.84 -15.61
N ARG E 199 34.14 18.70 -16.57
CA ARG E 199 34.32 19.36 -17.85
C ARG E 199 34.39 20.87 -17.68
N ALA E 200 33.47 21.43 -16.88
CA ALA E 200 33.49 22.87 -16.64
C ALA E 200 34.79 23.29 -15.99
N LEU E 201 35.26 22.54 -14.99
CA LEU E 201 36.51 22.90 -14.34
C LEU E 201 37.66 22.90 -15.33
N SER E 202 37.75 21.89 -16.19
CA SER E 202 38.85 21.83 -17.14
C SER E 202 38.81 23.00 -18.12
N VAL E 203 37.63 23.31 -18.64
CA VAL E 203 37.54 24.39 -19.62
C VAL E 203 37.78 25.73 -18.96
N PHE E 204 37.59 25.83 -17.64
CA PHE E 204 37.98 27.05 -16.94
C PHE E 204 39.48 27.11 -16.67
N ILE E 205 40.11 25.96 -16.38
CA ILE E 205 41.56 25.96 -16.16
C ILE E 205 42.30 26.32 -17.44
N LYS E 206 41.79 25.89 -18.59
CA LYS E 206 42.42 26.30 -19.84
C LYS E 206 42.47 27.82 -19.95
N ASP E 207 41.32 28.47 -19.69
CA ASP E 207 41.25 29.92 -19.73
C ASP E 207 42.19 30.55 -18.70
N ALA E 208 42.22 29.99 -17.49
CA ALA E 208 43.08 30.56 -16.46
C ALA E 208 44.54 30.49 -16.86
N ALA E 209 44.97 29.35 -17.41
CA ALA E 209 46.35 29.23 -17.85
C ALA E 209 46.67 30.20 -18.98
N LEU E 210 45.75 30.35 -19.95
CA LEU E 210 46.00 31.30 -21.02
C LEU E 210 46.09 32.72 -20.49
N LYS E 211 45.25 33.08 -19.52
CA LYS E 211 45.33 34.40 -18.91
C LYS E 211 46.66 34.59 -18.20
N TRP E 212 47.10 33.59 -17.44
CA TRP E 212 48.34 33.73 -16.67
C TRP E 212 49.54 33.87 -17.60
N MET E 213 49.59 33.09 -18.67
CA MET E 213 50.71 33.20 -19.61
C MET E 213 50.62 34.47 -20.46
N TYR E 214 49.43 35.06 -20.58
CA TYR E 214 49.23 36.27 -21.36
C TYR E 214 48.91 37.47 -20.47
N SER E 215 49.15 37.38 -19.17
CA SER E 215 48.87 38.48 -18.26
C SER E 215 50.00 39.50 -18.29
N TYR E 229 56.40 28.23 -19.36
CA TYR E 229 55.48 27.14 -19.08
C TYR E 229 55.13 26.36 -20.35
N GLN E 230 55.29 27.03 -21.50
CA GLN E 230 54.97 26.39 -22.77
C GLN E 230 55.82 25.17 -23.03
N ASP E 231 57.13 25.26 -22.75
CA ASP E 231 58.02 24.14 -23.02
C ASP E 231 57.86 23.01 -22.02
N SER E 232 57.26 23.27 -20.86
CA SER E 232 57.13 22.26 -19.82
C SER E 232 56.09 21.22 -20.19
N LEU E 233 56.20 20.05 -19.56
CA LEU E 233 55.27 18.95 -19.79
C LEU E 233 53.90 19.22 -19.16
N SER E 234 53.84 20.13 -18.18
CA SER E 234 52.59 20.36 -17.45
C SER E 234 51.48 20.83 -18.39
N CYS E 235 51.81 21.71 -19.34
CA CYS E 235 50.80 22.19 -20.28
C CYS E 235 50.22 21.04 -21.09
N ARG E 236 51.09 20.15 -21.58
CA ARG E 236 50.62 18.98 -22.32
C ARG E 236 49.72 18.12 -21.45
N LEU E 237 50.11 17.91 -20.19
CA LEU E 237 49.29 17.10 -19.31
C LEU E 237 47.93 17.72 -19.07
N VAL E 238 47.87 19.05 -18.91
CA VAL E 238 46.59 19.73 -18.72
C VAL E 238 45.71 19.55 -19.94
N PHE E 239 46.29 19.69 -21.13
CA PHE E 239 45.51 19.49 -22.35
C PHE E 239 44.95 18.07 -22.41
N LEU E 240 45.78 17.08 -22.08
CA LEU E 240 45.33 15.69 -22.05
C LEU E 240 44.19 15.50 -21.07
N LEU E 241 44.30 16.12 -19.89
CA LEU E 241 43.23 16.01 -18.89
C LEU E 241 41.93 16.56 -19.44
N MET E 242 41.99 17.70 -20.12
CA MET E 242 40.77 18.27 -20.70
C MET E 242 40.14 17.31 -21.70
N GLN E 243 40.96 16.72 -22.57
CA GLN E 243 40.42 15.78 -23.55
C GLN E 243 39.74 14.61 -22.86
N TYR E 244 40.39 14.08 -21.81
CA TYR E 244 39.80 12.96 -21.08
C TYR E 244 38.46 13.35 -20.47
N CYS E 245 38.38 14.55 -19.88
CA CYS E 245 37.12 14.98 -19.28
C CYS E 245 36.01 15.02 -20.32
N VAL E 246 36.30 15.58 -21.51
CA VAL E 246 35.28 15.66 -22.55
C VAL E 246 34.78 14.26 -22.92
N ALA E 247 35.73 13.34 -23.18
CA ALA E 247 35.35 12.00 -23.59
C ALA E 247 34.51 11.30 -22.52
N ALA E 248 34.92 11.43 -21.26
CA ALA E 248 34.20 10.78 -20.18
C ALA E 248 32.77 11.33 -20.08
N ASN E 249 32.61 12.64 -20.23
CA ASN E 249 31.27 13.20 -20.16
C ASN E 249 30.38 12.65 -21.25
N TYR E 250 30.89 12.57 -22.48
CA TYR E 250 30.05 12.05 -23.55
C TYR E 250 29.68 10.60 -23.31
N TYR E 251 30.64 9.78 -22.86
CA TYR E 251 30.29 8.39 -22.58
C TYR E 251 29.33 8.25 -21.42
N TRP E 252 29.34 9.18 -20.46
CA TRP E 252 28.34 9.07 -19.39
C TRP E 252 26.95 9.43 -19.89
N LEU E 253 26.85 10.37 -20.84
CA LEU E 253 25.55 10.58 -21.49
C LEU E 253 25.10 9.31 -22.21
N LEU E 254 26.03 8.67 -22.92
CA LEU E 254 25.70 7.37 -23.54
C LEU E 254 25.24 6.37 -22.49
N VAL E 255 25.84 6.40 -21.30
CA VAL E 255 25.47 5.48 -20.23
C VAL E 255 24.01 5.71 -19.82
N GLU E 256 23.64 6.98 -19.63
CA GLU E 256 22.24 7.30 -19.36
C GLU E 256 21.33 6.68 -20.41
N GLY E 257 21.66 6.93 -21.69
CA GLY E 257 20.81 6.42 -22.75
C GLY E 257 20.67 4.92 -22.72
N VAL E 258 21.79 4.21 -22.55
CA VAL E 258 21.77 2.76 -22.58
C VAL E 258 20.99 2.21 -21.39
N TYR E 259 21.14 2.83 -20.22
CA TYR E 259 20.37 2.37 -19.07
C TYR E 259 18.88 2.51 -19.31
N LEU E 260 18.45 3.64 -19.87
CA LEU E 260 17.03 3.79 -20.17
C LEU E 260 16.57 2.73 -21.17
N TYR E 261 17.36 2.49 -22.22
CA TYR E 261 16.96 1.50 -23.21
C TYR E 261 16.86 0.12 -22.58
N THR E 262 17.79 -0.23 -21.69
CA THR E 262 17.75 -1.54 -21.05
C THR E 262 16.53 -1.66 -20.14
N LEU E 263 16.20 -0.61 -19.40
CA LEU E 263 15.02 -0.66 -18.54
C LEU E 263 13.74 -0.84 -19.36
N LEU E 264 13.67 -0.21 -20.53
CA LEU E 264 12.49 -0.41 -21.38
C LEU E 264 12.60 -1.61 -22.29
N ALA E 265 13.72 -2.36 -22.25
CA ALA E 265 13.81 -3.62 -22.97
C ALA E 265 13.14 -4.76 -22.23
N PHE E 266 12.79 -4.59 -20.96
CA PHE E 266 12.08 -5.58 -20.16
C PHE E 266 12.86 -6.90 -20.13
N SER E 267 14.05 -6.84 -19.53
CA SER E 267 14.90 -8.00 -19.38
C SER E 267 15.47 -8.03 -17.96
N VAL E 268 15.80 -9.24 -17.50
CA VAL E 268 16.37 -9.39 -16.17
C VAL E 268 17.84 -8.97 -16.19
N PHE E 269 18.33 -8.55 -15.03
CA PHE E 269 19.69 -8.04 -14.93
C PHE E 269 20.13 -8.05 -13.48
N SER E 270 21.38 -8.44 -13.24
CA SER E 270 21.95 -8.41 -11.90
C SER E 270 22.27 -6.97 -11.52
N GLU E 271 21.72 -6.52 -10.40
CA GLU E 271 21.81 -5.10 -10.04
C GLU E 271 23.27 -4.67 -9.83
N GLN E 272 23.93 -5.24 -8.83
CA GLN E 272 25.26 -4.77 -8.46
C GLN E 272 26.26 -4.97 -9.59
N TRP E 273 26.24 -6.14 -10.21
CA TRP E 273 27.17 -6.42 -11.30
C TRP E 273 26.98 -5.44 -12.45
N ILE E 274 25.72 -5.18 -12.81
CA ILE E 274 25.45 -4.27 -13.92
C ILE E 274 25.86 -2.84 -13.56
N PHE E 275 25.66 -2.44 -12.30
CA PHE E 275 26.06 -1.10 -11.91
C PHE E 275 27.58 -0.95 -11.95
N ARG E 276 28.32 -1.95 -11.50
CA ARG E 276 29.77 -1.88 -11.59
C ARG E 276 30.21 -1.85 -13.06
N LEU E 277 29.56 -2.65 -13.91
CA LEU E 277 29.87 -2.60 -15.33
C LEU E 277 29.62 -1.21 -15.90
N TYR E 278 28.52 -0.58 -15.51
CA TYR E 278 28.23 0.78 -16.01
C TYR E 278 29.27 1.77 -15.53
N VAL E 279 29.66 1.70 -14.26
CA VAL E 279 30.69 2.61 -13.77
C VAL E 279 31.98 2.43 -14.56
N SER E 280 32.34 1.18 -14.83
CA SER E 280 33.55 0.91 -15.61
C SER E 280 33.43 1.51 -17.01
N ILE E 281 32.34 1.20 -17.71
CA ILE E 281 32.18 1.69 -19.08
C ILE E 281 32.10 3.21 -19.11
N GLY E 282 31.70 3.83 -18.00
CA GLY E 282 31.58 5.26 -17.95
C GLY E 282 32.91 5.97 -17.73
N TRP E 283 33.60 5.63 -16.64
CA TRP E 283 34.81 6.37 -16.29
C TRP E 283 36.09 5.76 -16.85
N GLY E 284 36.14 4.45 -17.05
CA GLY E 284 37.37 3.79 -17.45
C GLY E 284 37.66 3.83 -18.94
N VAL E 285 36.65 3.55 -19.76
CA VAL E 285 36.83 3.37 -21.20
C VAL E 285 37.55 4.55 -21.84
N PRO E 286 37.23 5.81 -21.50
CA PRO E 286 37.92 6.93 -22.18
C PRO E 286 39.45 6.83 -22.12
N LEU E 287 39.99 6.16 -21.11
CA LEU E 287 41.44 6.00 -21.04
C LEU E 287 42.00 5.14 -22.17
N LEU E 288 41.13 4.44 -22.91
CA LEU E 288 41.60 3.52 -23.94
C LEU E 288 41.95 4.21 -25.26
N PHE E 289 41.66 5.50 -25.40
CA PHE E 289 42.08 6.22 -26.61
C PHE E 289 42.78 7.52 -26.26
N VAL E 290 42.48 8.09 -25.09
CA VAL E 290 43.17 9.30 -24.66
C VAL E 290 44.66 9.01 -24.48
N VAL E 291 44.98 7.89 -23.85
CA VAL E 291 46.37 7.51 -23.61
C VAL E 291 47.09 7.23 -24.93
N PRO E 292 46.50 6.47 -25.86
CA PRO E 292 47.12 6.33 -27.18
C PRO E 292 47.36 7.66 -27.88
N TRP E 293 46.39 8.58 -27.82
CA TRP E 293 46.59 9.89 -28.43
C TRP E 293 47.75 10.62 -27.77
N GLY E 294 47.82 10.57 -26.44
CA GLY E 294 48.90 11.24 -25.74
C GLY E 294 50.26 10.68 -26.09
N ILE E 295 50.37 9.34 -26.14
CA ILE E 295 51.66 8.73 -26.45
C ILE E 295 52.07 9.07 -27.88
N VAL E 296 51.13 9.02 -28.83
CA VAL E 296 51.47 9.37 -30.20
C VAL E 296 51.95 10.82 -30.29
N LYS E 297 51.21 11.73 -29.64
CA LYS E 297 51.57 13.14 -29.69
C LYS E 297 52.94 13.38 -29.06
N TYR E 298 53.21 12.73 -27.92
CA TYR E 298 54.50 12.88 -27.27
C TYR E 298 55.63 12.36 -28.15
N LEU E 299 55.41 11.21 -28.80
CA LEU E 299 56.46 10.64 -29.62
C LEU E 299 56.74 11.49 -30.85
N TYR E 300 55.71 12.06 -31.47
CA TYR E 300 55.87 12.66 -32.79
C TYR E 300 55.69 14.17 -32.83
N GLU E 301 54.85 14.75 -31.97
CA GLU E 301 54.57 16.19 -32.02
C GLU E 301 54.59 16.78 -30.62
N ASP E 302 55.64 16.49 -29.86
CA ASP E 302 55.76 16.95 -28.48
C ASP E 302 56.24 18.40 -28.48
N GLU E 303 55.31 19.30 -28.80
CA GLU E 303 55.60 20.73 -28.72
C GLU E 303 54.30 21.50 -28.87
N GLY E 304 54.34 22.77 -28.45
CA GLY E 304 53.19 23.63 -28.55
C GLY E 304 52.00 23.17 -27.73
N CYS E 305 52.28 22.66 -26.53
CA CYS E 305 51.22 22.19 -25.63
C CYS E 305 50.31 21.16 -26.31
N TRP E 306 50.83 20.49 -27.34
CA TRP E 306 50.05 19.52 -28.09
C TRP E 306 48.80 20.15 -28.69
N THR E 307 48.82 21.45 -28.91
CA THR E 307 47.66 22.17 -29.42
C THR E 307 47.62 22.24 -30.94
N ARG E 308 48.63 21.72 -31.63
CA ARG E 308 48.66 21.76 -33.08
C ARG E 308 47.94 20.53 -33.64
N ASN E 309 47.57 20.64 -34.92
CA ASN E 309 46.79 19.62 -35.62
C ASN E 309 47.49 19.21 -36.91
N SER E 310 48.79 18.91 -36.80
CA SER E 310 49.60 18.64 -37.98
C SER E 310 48.98 17.54 -38.84
N ASN E 311 48.65 16.41 -38.23
CA ASN E 311 48.13 15.25 -38.95
C ASN E 311 46.75 14.88 -38.42
N MET E 312 45.83 14.61 -39.35
CA MET E 312 44.50 14.14 -38.97
C MET E 312 44.50 12.68 -38.54
N ASN E 313 45.54 11.92 -38.87
CA ASN E 313 45.63 10.53 -38.43
C ASN E 313 45.69 10.42 -36.92
N TYR E 314 46.08 11.49 -36.23
CA TYR E 314 46.11 11.51 -34.78
C TYR E 314 44.86 12.14 -34.19
N TRP E 315 44.22 13.03 -34.93
CA TRP E 315 42.97 13.63 -34.47
C TRP E 315 41.81 12.63 -34.55
N LEU E 316 41.83 11.77 -35.58
CA LEU E 316 40.73 10.83 -35.78
C LEU E 316 40.58 9.89 -34.59
N ILE E 317 41.67 9.56 -33.91
CA ILE E 317 41.60 8.65 -32.77
C ILE E 317 40.63 9.20 -31.73
N ILE E 318 40.80 10.46 -31.36
CA ILE E 318 39.87 11.09 -30.41
C ILE E 318 38.51 11.31 -31.07
N ARG E 319 38.50 11.65 -32.36
CA ARG E 319 37.27 12.11 -32.99
C ARG E 319 36.23 11.00 -33.10
N LEU E 320 36.63 9.83 -33.60
CA LEU E 320 35.65 8.82 -34.00
C LEU E 320 34.79 8.31 -32.85
N PRO E 321 35.36 7.90 -31.71
CA PRO E 321 34.51 7.27 -30.67
C PRO E 321 33.39 8.18 -30.18
N ILE E 322 33.64 9.49 -30.10
CA ILE E 322 32.59 10.42 -29.70
C ILE E 322 31.45 10.40 -30.70
N LEU E 323 31.77 10.38 -31.99
CA LEU E 323 30.74 10.29 -33.01
C LEU E 323 29.95 8.99 -32.85
N PHE E 324 30.64 7.88 -32.57
CA PHE E 324 29.95 6.62 -32.32
C PHE E 324 28.95 6.75 -31.18
N ALA E 325 29.41 7.30 -30.05
CA ALA E 325 28.54 7.39 -28.87
C ALA E 325 27.32 8.27 -29.14
N ILE E 326 27.53 9.40 -29.83
CA ILE E 326 26.41 10.29 -30.10
C ILE E 326 25.42 9.64 -31.06
N GLY E 327 25.92 8.89 -32.06
CA GLY E 327 25.01 8.16 -32.94
C GLY E 327 24.18 7.13 -32.18
N VAL E 328 24.80 6.43 -31.23
CA VAL E 328 24.05 5.46 -30.44
C VAL E 328 22.98 6.15 -29.61
N ASN E 329 23.32 7.29 -28.99
CA ASN E 329 22.32 8.04 -28.25
C ASN E 329 21.17 8.49 -29.15
N PHE E 330 21.48 8.89 -30.39
CA PHE E 330 20.41 9.27 -31.31
C PHE E 330 19.50 8.09 -31.61
N LEU E 331 20.07 6.91 -31.83
CA LEU E 331 19.24 5.73 -32.06
C LEU E 331 18.34 5.45 -30.87
N ILE E 332 18.89 5.55 -29.66
CA ILE E 332 18.08 5.31 -28.47
C ILE E 332 16.96 6.33 -28.37
N PHE E 333 17.25 7.58 -28.69
CA PHE E 333 16.21 8.60 -28.71
C PHE E 333 15.10 8.22 -29.67
N VAL E 334 15.47 7.77 -30.87
CA VAL E 334 14.46 7.38 -31.85
C VAL E 334 13.57 6.28 -31.28
N ARG E 335 14.17 5.23 -30.72
CA ARG E 335 13.38 4.12 -30.21
C ARG E 335 12.46 4.56 -29.08
N VAL E 336 12.99 5.37 -28.16
CA VAL E 336 12.18 5.79 -27.01
C VAL E 336 11.01 6.64 -27.47
N ILE E 337 11.24 7.54 -28.41
CA ILE E 337 10.14 8.39 -28.88
C ILE E 337 9.11 7.56 -29.62
N CYS E 338 9.56 6.56 -30.40
CA CYS E 338 8.62 5.68 -31.08
C CYS E 338 7.73 4.96 -30.08
N ILE E 339 8.31 4.43 -29.00
CA ILE E 339 7.51 3.70 -28.03
C ILE E 339 6.57 4.64 -27.29
N VAL E 340 7.03 5.86 -26.97
CA VAL E 340 6.15 6.82 -26.30
C VAL E 340 4.98 7.18 -27.19
N VAL E 341 5.23 7.35 -28.49
CA VAL E 341 4.15 7.65 -29.42
C VAL E 341 3.17 6.49 -29.47
N SER E 342 3.67 5.25 -29.48
CA SER E 342 2.78 4.10 -29.47
C SER E 342 1.90 4.09 -28.23
N LYS E 343 2.50 4.35 -27.06
CA LYS E 343 1.70 4.40 -25.83
C LYS E 343 0.64 5.48 -25.89
N LEU E 344 1.00 6.66 -26.41
CA LEU E 344 0.02 7.73 -26.53
C LEU E 344 -1.11 7.34 -27.46
N LYS E 345 -0.78 6.73 -28.60
CA LYS E 345 -1.81 6.37 -29.57
C LYS E 345 -2.74 5.29 -29.01
N ALA E 346 -2.19 4.32 -28.28
CA ALA E 346 -3.01 3.24 -27.77
C ALA E 346 -4.07 3.70 -26.78
N ASN E 347 -3.94 4.91 -26.24
CA ASN E 347 -4.93 5.44 -25.29
C ASN E 347 -5.31 6.87 -25.65
N ILE E 354 -2.79 15.49 -28.16
CA ILE E 354 -1.72 14.52 -28.35
C ILE E 354 -0.47 15.23 -28.87
N LYS E 355 -0.67 16.22 -29.73
CA LYS E 355 0.46 16.95 -30.29
C LYS E 355 1.28 17.61 -29.19
N CYS E 356 0.62 18.32 -28.28
CA CYS E 356 1.33 19.00 -27.20
C CYS E 356 2.04 18.00 -26.30
N ARG E 357 1.38 16.88 -25.99
CA ARG E 357 1.99 15.89 -25.11
C ARG E 357 3.23 15.29 -25.75
N LEU E 358 3.16 14.92 -27.02
CA LEU E 358 4.34 14.37 -27.69
C LEU E 358 5.43 15.42 -27.81
N ALA E 359 5.07 16.68 -28.06
CA ALA E 359 6.07 17.74 -28.13
C ALA E 359 6.81 17.89 -26.81
N LYS E 360 6.07 17.94 -25.70
CA LYS E 360 6.72 18.04 -24.40
C LYS E 360 7.57 16.82 -24.10
N SER E 361 7.06 15.63 -24.40
CA SER E 361 7.82 14.41 -24.15
C SER E 361 9.07 14.31 -25.02
N THR E 362 9.10 15.02 -26.15
CA THR E 362 10.27 15.01 -27.02
C THR E 362 11.28 16.09 -26.65
N LEU E 363 10.82 17.20 -26.08
CA LEU E 363 11.73 18.28 -25.70
C LEU E 363 12.56 17.89 -24.49
N THR E 364 11.93 17.33 -23.46
CA THR E 364 12.62 17.03 -22.22
C THR E 364 13.68 15.95 -22.38
N LEU E 365 13.63 15.15 -23.44
CA LEU E 365 14.54 14.03 -23.60
C LEU E 365 15.78 14.38 -24.41
N ILE E 366 15.89 15.60 -24.91
CA ILE E 366 17.07 16.04 -25.67
C ILE E 366 18.23 16.28 -24.72
N PRO E 367 18.09 17.14 -23.70
CA PRO E 367 19.25 17.42 -22.84
C PRO E 367 19.87 16.17 -22.23
N LEU E 368 19.07 15.20 -21.79
CA LEU E 368 19.64 14.01 -21.17
C LEU E 368 20.48 13.22 -22.16
N LEU E 369 19.92 12.92 -23.34
CA LEU E 369 20.61 12.13 -24.34
C LEU E 369 21.52 12.96 -25.23
N GLY E 370 21.40 14.29 -25.21
CA GLY E 370 22.29 15.14 -25.97
C GLY E 370 22.32 14.85 -27.45
N THR E 371 21.18 14.48 -28.03
CA THR E 371 21.13 14.20 -29.47
C THR E 371 21.32 15.45 -30.31
N HIS E 372 21.38 16.62 -29.69
CA HIS E 372 21.51 17.90 -30.39
C HIS E 372 22.71 17.93 -31.33
N GLU E 373 23.77 17.18 -31.02
CA GLU E 373 24.97 17.26 -31.84
C GLU E 373 24.68 16.87 -33.29
N VAL E 374 23.89 15.82 -33.50
CA VAL E 374 23.60 15.38 -34.86
C VAL E 374 22.77 16.43 -35.59
N ILE E 375 21.88 17.11 -34.88
CA ILE E 375 21.04 18.13 -35.52
C ILE E 375 21.90 19.23 -36.12
N PHE E 376 22.81 19.79 -35.32
CA PHE E 376 23.62 20.91 -35.79
C PHE E 376 24.75 20.45 -36.69
N ALA E 377 25.37 19.32 -36.38
CA ALA E 377 26.49 18.82 -37.18
C ALA E 377 26.00 17.84 -38.24
N PHE E 390 30.13 30.96 -38.04
CA PHE E 390 29.78 31.83 -36.92
C PHE E 390 28.53 31.31 -36.23
N ILE E 391 27.43 31.24 -36.98
CA ILE E 391 26.18 30.75 -36.41
C ILE E 391 26.34 29.32 -35.91
N LYS E 392 26.97 28.46 -36.73
CA LYS E 392 27.19 27.08 -36.32
C LYS E 392 27.96 27.03 -35.00
N LEU E 393 29.06 27.77 -34.91
CA LEU E 393 29.79 27.85 -33.65
C LEU E 393 28.92 28.46 -32.56
N PHE E 394 28.18 29.52 -32.89
CA PHE E 394 27.32 30.16 -31.90
C PHE E 394 26.33 29.17 -31.29
N THR E 395 25.62 28.42 -32.14
CA THR E 395 24.65 27.46 -31.62
C THR E 395 25.33 26.38 -30.80
N GLU E 396 26.39 25.77 -31.34
CA GLU E 396 27.05 24.69 -30.63
C GLU E 396 27.62 25.17 -29.30
N LEU E 397 28.34 26.30 -29.32
CA LEU E 397 28.94 26.82 -28.09
C LEU E 397 27.87 27.33 -27.14
N SER E 398 26.94 28.16 -27.64
CA SER E 398 25.98 28.80 -26.76
C SER E 398 25.11 27.79 -26.05
N PHE E 399 24.52 26.85 -26.79
CA PHE E 399 23.61 25.89 -26.18
C PHE E 399 24.34 24.95 -25.24
N THR E 400 25.45 24.37 -25.69
CA THR E 400 26.07 23.28 -24.94
C THR E 400 26.53 23.76 -23.57
N SER E 401 27.05 24.98 -23.49
CA SER E 401 27.38 25.56 -22.20
C SER E 401 26.16 25.56 -21.28
N PHE E 402 24.97 25.72 -21.85
CA PHE E 402 23.72 25.71 -21.10
C PHE E 402 23.16 24.31 -20.90
N GLN E 403 23.73 23.29 -21.54
CA GLN E 403 23.18 21.94 -21.43
C GLN E 403 23.21 21.45 -19.98
N GLY E 404 24.30 21.74 -19.27
CA GLY E 404 24.37 21.33 -17.87
C GLY E 404 23.23 21.89 -17.06
N LEU E 405 22.94 23.18 -17.22
CA LEU E 405 21.88 23.80 -16.43
C LEU E 405 20.54 23.13 -16.66
N MET E 406 20.20 22.86 -17.92
CA MET E 406 18.89 22.28 -18.23
C MET E 406 18.76 20.87 -17.67
N VAL E 407 19.81 20.06 -17.79
CA VAL E 407 19.77 18.71 -17.25
C VAL E 407 19.46 18.75 -15.76
N ALA E 408 20.04 19.74 -15.06
CA ALA E 408 19.77 19.86 -13.63
C ALA E 408 18.31 20.20 -13.36
N ILE E 409 17.75 21.13 -14.14
CA ILE E 409 16.38 21.59 -13.89
C ILE E 409 15.39 20.46 -14.12
N LEU E 410 15.52 19.78 -15.26
CA LEU E 410 14.51 18.80 -15.65
C LEU E 410 14.42 17.65 -14.67
N TYR E 411 15.57 17.15 -14.19
CA TYR E 411 15.63 15.90 -13.46
C TYR E 411 16.00 16.08 -11.99
N CYS E 412 16.20 17.31 -11.53
CA CYS E 412 16.42 17.57 -10.11
C CYS E 412 15.38 18.50 -9.51
N PHE E 413 15.08 19.61 -10.18
CA PHE E 413 14.24 20.64 -9.59
C PHE E 413 12.76 20.46 -9.91
N VAL E 414 12.40 20.47 -11.20
CA VAL E 414 11.00 20.37 -11.59
C VAL E 414 10.43 18.98 -11.36
N ASN E 415 11.28 17.98 -11.10
CA ASN E 415 10.78 16.63 -10.90
C ASN E 415 9.78 16.60 -9.76
N ASN E 416 8.66 15.90 -9.98
CA ASN E 416 7.59 15.87 -8.99
C ASN E 416 8.06 15.25 -7.68
N GLU E 417 8.86 14.19 -7.76
CA GLU E 417 9.34 13.53 -6.55
C GLU E 417 10.15 14.49 -5.69
N VAL E 418 11.04 15.26 -6.31
CA VAL E 418 11.87 16.20 -5.54
C VAL E 418 11.00 17.31 -4.95
N GLN E 419 10.03 17.80 -5.73
CA GLN E 419 9.16 18.86 -5.23
C GLN E 419 8.37 18.39 -4.01
N LEU E 420 7.78 17.19 -4.09
CA LEU E 420 7.01 16.70 -2.95
C LEU E 420 7.91 16.36 -1.77
N GLU E 421 9.14 15.90 -2.03
CA GLU E 421 10.09 15.71 -0.95
C GLU E 421 10.39 17.01 -0.24
N PHE E 422 10.60 18.09 -1.00
CA PHE E 422 10.83 19.39 -0.40
C PHE E 422 9.61 19.84 0.41
N ARG E 423 8.40 19.64 -0.13
CA ARG E 423 7.20 20.04 0.58
C ARG E 423 7.09 19.30 1.90
N LYS E 424 7.31 17.98 1.88
CA LYS E 424 7.22 17.19 3.10
C LYS E 424 8.28 17.62 4.11
N SER E 425 9.52 17.83 3.66
CA SER E 425 10.58 18.23 4.57
C SER E 425 10.26 19.58 5.20
N TRP E 426 9.77 20.53 4.42
CA TRP E 426 9.39 21.83 4.96
C TRP E 426 8.26 21.69 5.96
N GLU E 427 7.26 20.87 5.64
CA GLU E 427 6.14 20.67 6.57
C GLU E 427 6.63 20.09 7.89
N ARG E 428 7.54 19.13 7.84
CA ARG E 428 8.09 18.56 9.07
C ARG E 428 8.85 19.61 9.87
N TRP E 429 9.65 20.44 9.19
CA TRP E 429 10.44 21.45 9.88
C TRP E 429 9.58 22.55 10.48
N ARG E 430 8.30 22.65 10.07
CA ARG E 430 7.41 23.65 10.65
C ARG E 430 7.05 23.33 12.09
N LEU E 431 7.27 22.11 12.54
CA LEU E 431 6.96 21.72 13.91
C LEU E 431 7.90 22.39 14.90
#